data_2E24
#
_entry.id   2E24
#
_cell.length_a   53.807
_cell.length_b   90.230
_cell.length_c   78.098
_cell.angle_alpha   90.00
_cell.angle_beta   97.56
_cell.angle_gamma   90.00
#
_symmetry.space_group_name_H-M   'P 1 21 1'
#
loop_
_entity.id
_entity.type
_entity.pdbx_description
1 polymer 'Xanthan lyase'
2 non-polymer DI(HYDROXYETHYL)ETHER
3 water water
#
_entity_poly.entity_id   1
_entity_poly.type   'polypeptide(L)'
_entity_poly.pdbx_seq_one_letter_code
;SDEFDALRIKWATLLTGGPALDPADSDIAARTDKLAQDANDYWEDMDLSSSRTYIWYALRGNGTSDNVNAVYERLRTMAL
AATTVGSSLYGNADLKEDILDALDWLYVNSYNSTRSRSAYNWWHWQLGIPMSLNDIAVLLYDDISAARMATYMDTIDYFT
PSIGLTGANRAWQAIVVGVRAVIVKDAVKLAAARNGLSGTGIFPYATGGDGFYADGSFVQHTTFAYTGGYGSSVLETTAN
LMYLLSGSTWSVSDPNQSNVWQWIYEAYRPLLYKGAMMDMVRGREISRSYAQDHAVGHGIVASIVRLAQFAPAPHAAAFK
QIAKRVIQEDTFSSFYGDVSTDTIRLAKAIVDDPSIAPAAAPNLYKQYAAMDRAVLQRPGFALGLALYSTRISSYESINS
ENGRGWYTGAGATYLYNQDLAQYSEDYWPTVDAYRIPGTTVASGTPIASGTGTSSWTGGVSLAGQYGASGMDLSYGAYNL
SARKSWFMFDDEIVALGSGISSTAGIPIETVVDNRKLNGAGDNAWTANGAALSTGLGVAQTLTGVNWVHLAGNTADGSDI
GYYFPGGATLQTKREARTGTWKQINNAPATPSTAVTRNYETMWIDHGTNPSGASYGYVLLPNKTSAQVGAYAADPAIEIV
VNTSGVQSVKEKTLGLVGANFWTDTTQTADLITSNKKASVMTREIADERLEASVSDPTQANNGTIAIELARSAEGYSADP
GITVTQLAPTIKFTVNVNGAKGKSFHASFQLG
;
_entity_poly.pdbx_strand_id   A
#
loop_
_chem_comp.id
_chem_comp.type
_chem_comp.name
_chem_comp.formula
PEG non-polymer DI(HYDROXYETHYL)ETHER 'C4 H10 O3'
#
# COMPACT_ATOMS: atom_id res chain seq x y z
N SER A 1 -5.31 -18.39 40.18
CA SER A 1 -5.09 -17.61 38.92
C SER A 1 -4.13 -16.45 39.16
N ASP A 2 -3.14 -16.32 38.29
CA ASP A 2 -2.17 -15.24 38.38
C ASP A 2 -2.37 -14.30 37.20
N GLU A 3 -1.56 -13.25 37.12
CA GLU A 3 -1.67 -12.29 36.03
C GLU A 3 -1.39 -12.91 34.66
N PHE A 4 -0.47 -13.87 34.61
CA PHE A 4 -0.13 -14.53 33.35
C PHE A 4 -1.38 -15.24 32.82
N ASP A 5 -2.13 -15.87 33.71
CA ASP A 5 -3.34 -16.57 33.35
C ASP A 5 -4.35 -15.60 32.72
N ALA A 6 -4.45 -14.41 33.29
CA ALA A 6 -5.37 -13.41 32.78
C ALA A 6 -4.96 -12.97 31.39
N LEU A 7 -3.66 -12.88 31.15
CA LEU A 7 -3.15 -12.47 29.85
C LEU A 7 -3.40 -13.56 28.82
N ARG A 8 -3.20 -14.82 29.22
CA ARG A 8 -3.40 -15.94 28.31
C ARG A 8 -4.86 -16.01 27.87
N ILE A 9 -5.77 -15.72 28.80
CA ILE A 9 -7.20 -15.74 28.49
C ILE A 9 -7.54 -14.57 27.57
N LYS A 10 -6.86 -13.46 27.78
CA LYS A 10 -7.07 -12.26 26.98
C LYS A 10 -6.67 -12.53 25.54
N TRP A 11 -5.54 -13.21 25.37
CA TRP A 11 -5.06 -13.54 24.04
C TRP A 11 -6.01 -14.57 23.41
N ALA A 12 -6.44 -15.53 24.23
CA ALA A 12 -7.34 -16.58 23.78
C ALA A 12 -8.59 -15.99 23.16
N THR A 13 -9.22 -15.04 23.84
CA THR A 13 -10.41 -14.40 23.33
C THR A 13 -10.10 -13.62 22.05
N LEU A 14 -8.87 -13.11 21.94
CA LEU A 14 -8.47 -12.37 20.75
C LEU A 14 -8.43 -13.34 19.57
N LEU A 15 -8.19 -14.62 19.86
CA LEU A 15 -8.13 -15.64 18.81
C LEU A 15 -9.48 -16.27 18.52
N THR A 16 -10.32 -16.43 19.55
CA THR A 16 -11.63 -17.08 19.39
C THR A 16 -12.85 -16.19 19.36
N GLY A 17 -12.72 -14.95 19.81
CA GLY A 17 -13.87 -14.07 19.83
C GLY A 17 -14.49 -14.09 21.23
N GLY A 18 -14.03 -15.02 22.05
CA GLY A 18 -14.52 -15.10 23.41
C GLY A 18 -15.78 -15.92 23.62
N PRO A 19 -16.21 -16.09 24.88
CA PRO A 19 -17.40 -16.87 25.19
C PRO A 19 -18.69 -16.12 24.87
N ALA A 20 -18.58 -14.81 24.65
CA ALA A 20 -19.74 -13.98 24.35
C ALA A 20 -20.09 -13.93 22.87
N LEU A 21 -19.44 -14.76 22.05
CA LEU A 21 -19.74 -14.79 20.62
C LEU A 21 -21.22 -15.07 20.40
N ASP A 22 -21.84 -14.31 19.50
CA ASP A 22 -23.27 -14.48 19.21
C ASP A 22 -23.52 -15.35 17.98
N PRO A 23 -23.95 -16.60 18.19
CA PRO A 23 -24.22 -17.52 17.08
C PRO A 23 -25.36 -17.02 16.20
N ALA A 24 -26.12 -16.06 16.72
CA ALA A 24 -27.25 -15.49 15.99
C ALA A 24 -26.76 -14.50 14.96
N ASP A 25 -25.56 -13.97 15.16
CA ASP A 25 -24.99 -13.02 14.23
C ASP A 25 -24.68 -13.72 12.90
N SER A 26 -25.33 -13.24 11.84
CA SER A 26 -25.17 -13.79 10.50
C SER A 26 -23.72 -14.06 10.08
N ASP A 27 -22.86 -13.05 10.22
CA ASP A 27 -21.46 -13.20 9.83
C ASP A 27 -20.66 -14.12 10.73
N ILE A 28 -20.88 -14.01 12.04
CA ILE A 28 -20.17 -14.85 12.98
C ILE A 28 -20.51 -16.31 12.71
N ALA A 29 -21.80 -16.57 12.50
CA ALA A 29 -22.26 -17.92 12.22
C ALA A 29 -21.54 -18.51 11.00
N ALA A 30 -21.46 -17.73 9.92
CA ALA A 30 -20.81 -18.19 8.71
C ALA A 30 -19.33 -18.46 8.99
N ARG A 31 -18.71 -17.62 9.82
CA ARG A 31 -17.30 -17.78 10.15
C ARG A 31 -17.06 -19.07 10.91
N THR A 32 -17.89 -19.33 11.92
CA THR A 32 -17.73 -20.56 12.70
C THR A 32 -18.12 -21.77 11.86
N ASP A 33 -18.88 -21.52 10.80
CA ASP A 33 -19.31 -22.58 9.90
C ASP A 33 -18.17 -23.03 9.00
N LYS A 34 -17.45 -22.07 8.42
CA LYS A 34 -16.33 -22.40 7.56
C LYS A 34 -15.21 -23.01 8.38
N LEU A 35 -14.94 -22.41 9.54
CA LEU A 35 -13.90 -22.86 10.45
C LEU A 35 -14.00 -24.37 10.70
N ALA A 36 -15.20 -24.82 11.08
CA ALA A 36 -15.43 -26.23 11.34
C ALA A 36 -15.25 -27.06 10.07
N GLN A 37 -15.77 -26.53 8.96
CA GLN A 37 -15.67 -27.21 7.68
C GLN A 37 -14.20 -27.41 7.29
N ASP A 38 -13.43 -26.34 7.33
CA ASP A 38 -12.02 -26.39 6.98
C ASP A 38 -11.28 -27.30 7.95
N ALA A 39 -11.70 -27.29 9.21
CA ALA A 39 -11.08 -28.12 10.22
C ALA A 39 -11.36 -29.59 9.92
N ASN A 40 -12.63 -29.92 9.70
CA ASN A 40 -13.02 -31.29 9.39
C ASN A 40 -12.30 -31.79 8.14
N ASP A 41 -12.20 -30.92 7.14
CA ASP A 41 -11.54 -31.25 5.88
C ASP A 41 -10.09 -31.69 6.11
N TYR A 42 -9.36 -30.95 6.94
CA TYR A 42 -7.96 -31.27 7.23
C TYR A 42 -7.89 -32.51 8.12
N TRP A 43 -8.66 -32.48 9.20
CA TRP A 43 -8.71 -33.58 10.15
C TRP A 43 -9.02 -34.88 9.42
N GLU A 44 -9.82 -34.75 8.36
CA GLU A 44 -10.24 -35.86 7.54
C GLU A 44 -9.11 -36.41 6.66
N ASP A 45 -8.11 -35.57 6.39
CA ASP A 45 -6.99 -35.96 5.55
C ASP A 45 -5.71 -36.22 6.32
N MET A 46 -5.82 -36.29 7.65
CA MET A 46 -4.65 -36.54 8.48
C MET A 46 -4.29 -38.01 8.50
N ASP A 47 -2.99 -38.29 8.57
CA ASP A 47 -2.52 -39.66 8.65
C ASP A 47 -2.34 -39.85 10.15
N LEU A 48 -3.25 -40.58 10.78
CA LEU A 48 -3.19 -40.78 12.22
C LEU A 48 -2.44 -42.04 12.66
N SER A 49 -1.84 -42.75 11.72
CA SER A 49 -1.10 -43.97 12.05
C SER A 49 0.21 -43.58 12.74
N SER A 50 0.59 -44.35 13.76
CA SER A 50 1.81 -44.08 14.49
C SER A 50 3.06 -44.25 13.62
N SER A 51 2.88 -44.91 12.48
CA SER A 51 3.98 -45.14 11.56
C SER A 51 4.03 -44.09 10.44
N ARG A 52 3.34 -42.97 10.67
CA ARG A 52 3.29 -41.90 9.67
C ARG A 52 4.63 -41.21 9.44
N THR A 53 4.79 -40.69 8.23
CA THR A 53 6.01 -39.99 7.83
C THR A 53 5.67 -38.55 7.44
N TYR A 54 4.45 -38.14 7.76
CA TYR A 54 3.97 -36.79 7.47
C TYR A 54 2.58 -36.66 8.08
N ILE A 55 2.09 -35.43 8.20
CA ILE A 55 0.77 -35.20 8.76
C ILE A 55 -0.22 -35.16 7.60
N TRP A 56 0.15 -34.43 6.55
CA TRP A 56 -0.68 -34.31 5.35
C TRP A 56 0.20 -34.61 4.14
N TYR A 57 -0.16 -35.67 3.41
CA TYR A 57 0.59 -36.08 2.22
C TYR A 57 0.97 -34.89 1.35
N ALA A 58 0.02 -33.96 1.19
CA ALA A 58 0.24 -32.78 0.37
C ALA A 58 1.34 -31.87 0.90
N LEU A 59 1.59 -31.93 2.20
CA LEU A 59 2.61 -31.07 2.80
C LEU A 59 3.85 -31.80 3.32
N ARG A 60 4.05 -33.04 2.88
CA ARG A 60 5.20 -33.81 3.33
C ARG A 60 6.50 -33.09 2.98
N GLY A 61 7.51 -33.25 3.83
CA GLY A 61 8.79 -32.58 3.61
C GLY A 61 9.22 -31.88 4.89
N ASN A 62 9.67 -32.67 5.86
CA ASN A 62 10.11 -32.16 7.15
C ASN A 62 11.18 -31.08 7.09
N GLY A 63 11.84 -30.95 5.95
CA GLY A 63 12.89 -29.94 5.81
C GLY A 63 12.50 -28.71 5.00
N THR A 64 11.41 -28.81 4.26
CA THR A 64 10.91 -27.70 3.44
C THR A 64 10.14 -26.75 4.34
N SER A 65 10.80 -25.70 4.83
CA SER A 65 10.18 -24.76 5.75
C SER A 65 8.79 -24.29 5.32
N ASP A 66 8.57 -24.13 4.02
CA ASP A 66 7.28 -23.71 3.51
C ASP A 66 6.18 -24.71 3.84
N ASN A 67 6.46 -25.99 3.64
CA ASN A 67 5.48 -27.04 3.93
C ASN A 67 5.23 -27.16 5.43
N VAL A 68 6.31 -27.14 6.20
CA VAL A 68 6.21 -27.25 7.65
C VAL A 68 5.35 -26.10 8.19
N ASN A 69 5.65 -24.88 7.77
CA ASN A 69 4.90 -23.72 8.22
C ASN A 69 3.40 -23.89 7.92
N ALA A 70 3.09 -24.44 6.75
CA ALA A 70 1.71 -24.65 6.34
C ALA A 70 1.03 -25.70 7.22
N VAL A 71 1.81 -26.66 7.70
CA VAL A 71 1.26 -27.70 8.56
C VAL A 71 0.83 -27.08 9.88
N TYR A 72 1.66 -26.20 10.44
CA TYR A 72 1.31 -25.56 11.70
C TYR A 72 0.13 -24.61 11.56
N GLU A 73 0.00 -23.97 10.40
CA GLU A 73 -1.11 -23.07 10.18
C GLU A 73 -2.40 -23.88 10.17
N ARG A 74 -2.35 -25.05 9.53
CA ARG A 74 -3.53 -25.92 9.46
C ARG A 74 -3.91 -26.38 10.86
N LEU A 75 -2.90 -26.72 11.68
CA LEU A 75 -3.18 -27.17 13.03
C LEU A 75 -3.75 -26.01 13.84
N ARG A 76 -3.36 -24.79 13.51
CA ARG A 76 -3.88 -23.61 14.20
C ARG A 76 -5.36 -23.45 13.90
N THR A 77 -5.72 -23.65 12.64
CA THR A 77 -7.10 -23.55 12.19
C THR A 77 -7.95 -24.61 12.91
N MET A 78 -7.42 -25.83 12.99
CA MET A 78 -8.11 -26.91 13.66
C MET A 78 -8.29 -26.61 15.14
N ALA A 79 -7.27 -26.02 15.76
CA ALA A 79 -7.33 -25.67 17.18
C ALA A 79 -8.41 -24.61 17.38
N LEU A 80 -8.51 -23.69 16.43
CA LEU A 80 -9.51 -22.63 16.50
C LEU A 80 -10.92 -23.22 16.40
N ALA A 81 -11.08 -24.22 15.54
CA ALA A 81 -12.37 -24.86 15.35
C ALA A 81 -12.80 -25.59 16.63
N ALA A 82 -11.82 -25.98 17.44
CA ALA A 82 -12.10 -26.70 18.68
C ALA A 82 -12.21 -25.81 19.91
N THR A 83 -12.06 -24.50 19.71
CA THR A 83 -12.12 -23.58 20.84
C THR A 83 -12.97 -22.33 20.62
N THR A 84 -13.63 -22.24 19.47
CA THR A 84 -14.48 -21.09 19.18
C THR A 84 -15.94 -21.41 19.44
N VAL A 85 -16.56 -20.67 20.35
CA VAL A 85 -17.96 -20.87 20.69
C VAL A 85 -18.80 -20.79 19.42
N GLY A 86 -19.64 -21.80 19.19
CA GLY A 86 -20.49 -21.80 18.02
C GLY A 86 -20.04 -22.80 16.98
N SER A 87 -18.78 -23.21 17.04
CA SER A 87 -18.23 -24.18 16.10
C SER A 87 -18.76 -25.58 16.41
N SER A 88 -19.08 -26.33 15.37
CA SER A 88 -19.59 -27.69 15.55
C SER A 88 -18.51 -28.63 16.08
N LEU A 89 -17.28 -28.14 16.16
CA LEU A 89 -16.18 -28.95 16.66
C LEU A 89 -15.70 -28.47 18.03
N TYR A 90 -16.38 -27.45 18.57
CA TYR A 90 -16.03 -26.90 19.87
C TYR A 90 -15.97 -27.96 20.96
N GLY A 91 -14.85 -28.04 21.65
CA GLY A 91 -14.70 -29.00 22.74
C GLY A 91 -14.42 -30.43 22.33
N ASN A 92 -14.29 -30.69 21.03
CA ASN A 92 -14.02 -32.04 20.55
C ASN A 92 -12.67 -32.55 21.08
N ALA A 93 -12.73 -33.40 22.09
CA ALA A 93 -11.53 -33.95 22.72
C ALA A 93 -10.67 -34.81 21.78
N ASP A 94 -11.31 -35.45 20.80
CA ASP A 94 -10.60 -36.30 19.85
C ASP A 94 -9.78 -35.43 18.90
N LEU A 95 -10.34 -34.28 18.54
CA LEU A 95 -9.65 -33.36 17.65
C LEU A 95 -8.48 -32.72 18.38
N LYS A 96 -8.75 -32.24 19.60
CA LYS A 96 -7.71 -31.62 20.41
C LYS A 96 -6.50 -32.53 20.57
N GLU A 97 -6.76 -33.81 20.81
CA GLU A 97 -5.69 -34.78 21.00
C GLU A 97 -4.94 -35.10 19.71
N ASP A 98 -5.65 -35.13 18.59
CA ASP A 98 -5.00 -35.40 17.31
C ASP A 98 -4.10 -34.23 16.93
N ILE A 99 -4.46 -33.03 17.41
CA ILE A 99 -3.65 -31.85 17.13
C ILE A 99 -2.37 -31.94 17.96
N LEU A 100 -2.51 -32.28 19.23
CA LEU A 100 -1.35 -32.39 20.11
C LEU A 100 -0.41 -33.53 19.69
N ASP A 101 -0.96 -34.60 19.12
CA ASP A 101 -0.13 -35.71 18.68
C ASP A 101 0.66 -35.32 17.44
N ALA A 102 0.05 -34.51 16.59
CA ALA A 102 0.72 -34.06 15.38
C ALA A 102 1.87 -33.16 15.78
N LEU A 103 1.64 -32.32 16.78
CA LEU A 103 2.67 -31.41 17.26
C LEU A 103 3.88 -32.18 17.79
N ASP A 104 3.62 -33.23 18.56
CA ASP A 104 4.70 -34.04 19.11
C ASP A 104 5.50 -34.70 17.99
N TRP A 105 4.80 -35.12 16.94
CA TRP A 105 5.44 -35.77 15.81
C TRP A 105 6.31 -34.76 15.06
N LEU A 106 5.79 -33.54 14.93
CA LEU A 106 6.52 -32.48 14.24
C LEU A 106 7.76 -32.12 15.05
N TYR A 107 7.63 -32.18 16.37
CA TYR A 107 8.77 -31.87 17.24
C TYR A 107 9.89 -32.89 17.08
N VAL A 108 9.51 -34.16 17.10
CA VAL A 108 10.47 -35.25 16.96
C VAL A 108 11.09 -35.34 15.57
N ASN A 109 10.27 -35.16 14.55
CA ASN A 109 10.77 -35.30 13.19
C ASN A 109 10.99 -34.04 12.36
N SER A 110 10.79 -32.85 12.91
CA SER A 110 10.99 -31.67 12.07
C SER A 110 11.35 -30.37 12.76
N TYR A 111 10.46 -29.85 13.60
CA TYR A 111 10.71 -28.58 14.26
C TYR A 111 11.27 -28.73 15.68
N ASN A 112 12.59 -28.71 15.77
CA ASN A 112 13.27 -28.84 17.05
C ASN A 112 14.63 -28.16 17.01
N SER A 113 15.32 -28.12 18.15
CA SER A 113 16.61 -27.47 18.25
C SER A 113 17.81 -28.12 17.54
N THR A 114 17.57 -29.20 16.79
CA THR A 114 18.67 -29.84 16.09
C THR A 114 18.88 -29.19 14.72
N ARG A 115 18.01 -28.25 14.36
CA ARG A 115 18.12 -27.57 13.06
C ARG A 115 18.80 -26.22 13.21
N SER A 116 19.39 -25.75 12.12
CA SER A 116 20.05 -24.45 12.12
C SER A 116 19.01 -23.35 12.21
N ARG A 117 19.27 -22.35 13.05
CA ARG A 117 18.34 -21.25 13.20
C ARG A 117 18.21 -20.44 11.92
N SER A 118 19.27 -20.41 11.12
CA SER A 118 19.27 -19.65 9.88
C SER A 118 19.11 -20.46 8.61
N ALA A 119 18.50 -21.64 8.72
CA ALA A 119 18.29 -22.48 7.54
C ALA A 119 17.13 -21.90 6.73
N TYR A 120 17.19 -22.05 5.41
CA TYR A 120 16.13 -21.54 4.54
C TYR A 120 14.81 -22.27 4.80
N ASN A 121 13.73 -21.55 5.01
CA ASN A 121 13.69 -20.09 5.01
C ASN A 121 13.64 -19.68 6.49
N TRP A 122 14.64 -18.92 6.94
CA TRP A 122 14.72 -18.49 8.33
C TRP A 122 13.43 -17.93 8.91
N TRP A 123 12.67 -17.21 8.09
CA TRP A 123 11.43 -16.61 8.56
C TRP A 123 10.44 -17.65 9.08
N HIS A 124 10.40 -18.81 8.43
CA HIS A 124 9.49 -19.87 8.85
C HIS A 124 9.91 -20.48 10.19
N TRP A 125 11.20 -20.76 10.33
CA TRP A 125 11.72 -21.37 11.55
C TRP A 125 11.67 -20.45 12.76
N GLN A 126 12.04 -19.18 12.59
CA GLN A 126 12.06 -18.25 13.71
C GLN A 126 10.77 -17.47 13.97
N LEU A 127 9.96 -17.27 12.94
CA LEU A 127 8.75 -16.47 13.13
C LEU A 127 7.41 -17.12 12.75
N GLY A 128 7.27 -17.51 11.49
CA GLY A 128 6.02 -18.12 11.03
C GLY A 128 5.50 -19.27 11.86
N ILE A 129 6.35 -20.27 12.08
CA ILE A 129 5.95 -21.44 12.86
C ILE A 129 5.70 -21.07 14.32
N PRO A 130 6.66 -20.36 14.95
CA PRO A 130 6.45 -20.00 16.36
C PRO A 130 5.14 -19.23 16.60
N MET A 131 4.74 -18.37 15.67
CA MET A 131 3.50 -17.62 15.83
C MET A 131 2.27 -18.53 15.79
N SER A 132 2.30 -19.55 14.96
CA SER A 132 1.18 -20.49 14.91
C SER A 132 1.21 -21.38 16.14
N LEU A 133 2.41 -21.85 16.49
CA LEU A 133 2.57 -22.73 17.65
C LEU A 133 2.18 -22.08 18.97
N ASN A 134 2.48 -20.80 19.14
CA ASN A 134 2.11 -20.11 20.37
C ASN A 134 0.60 -20.06 20.49
N ASP A 135 -0.09 -19.82 19.38
CA ASP A 135 -1.54 -19.74 19.38
C ASP A 135 -2.19 -21.07 19.73
N ILE A 136 -1.64 -22.15 19.19
CA ILE A 136 -2.18 -23.48 19.47
C ILE A 136 -2.04 -23.75 20.96
N ALA A 137 -0.88 -23.41 21.51
CA ALA A 137 -0.57 -23.60 22.93
C ALA A 137 -1.53 -22.83 23.83
N VAL A 138 -1.89 -21.62 23.43
CA VAL A 138 -2.82 -20.80 24.21
C VAL A 138 -4.23 -21.39 24.11
N LEU A 139 -4.63 -21.76 22.90
CA LEU A 139 -5.96 -22.31 22.67
C LEU A 139 -6.21 -23.64 23.39
N LEU A 140 -5.23 -24.53 23.34
CA LEU A 140 -5.35 -25.84 23.97
C LEU A 140 -4.53 -25.96 25.25
N TYR A 141 -4.19 -24.82 25.84
CA TYR A 141 -3.39 -24.77 27.05
C TYR A 141 -3.75 -25.81 28.12
N ASP A 142 -5.04 -25.85 28.47
CA ASP A 142 -5.50 -26.76 29.50
C ASP A 142 -5.38 -28.25 29.19
N ASP A 143 -5.22 -28.60 27.91
CA ASP A 143 -5.09 -29.99 27.52
C ASP A 143 -3.63 -30.36 27.20
N ILE A 144 -2.72 -29.46 27.56
CA ILE A 144 -1.29 -29.69 27.29
C ILE A 144 -0.51 -29.98 28.56
N SER A 145 0.10 -31.17 28.61
CA SER A 145 0.88 -31.58 29.77
C SER A 145 2.18 -30.80 29.85
N ALA A 146 2.81 -30.83 31.02
CA ALA A 146 4.06 -30.12 31.24
C ALA A 146 5.13 -30.65 30.29
N ALA A 147 5.10 -31.96 30.04
CA ALA A 147 6.07 -32.59 29.16
C ALA A 147 5.91 -32.11 27.72
N ARG A 148 4.67 -32.00 27.27
CA ARG A 148 4.40 -31.54 25.91
C ARG A 148 4.74 -30.07 25.69
N MET A 149 4.32 -29.23 26.63
CA MET A 149 4.55 -27.80 26.54
C MET A 149 6.04 -27.46 26.47
N ALA A 150 6.84 -28.22 27.19
CA ALA A 150 8.28 -28.01 27.23
C ALA A 150 8.88 -28.15 25.84
N THR A 151 8.52 -29.21 25.14
CA THR A 151 9.04 -29.45 23.79
C THR A 151 8.58 -28.37 22.81
N TYR A 152 7.44 -27.75 23.10
CA TYR A 152 6.92 -26.69 22.22
C TYR A 152 7.63 -25.38 22.51
N MET A 153 7.58 -24.95 23.77
CA MET A 153 8.18 -23.69 24.19
C MET A 153 9.71 -23.66 24.20
N ASP A 154 10.35 -24.79 24.50
CA ASP A 154 11.81 -24.82 24.48
C ASP A 154 12.28 -24.58 23.06
N THR A 155 11.61 -25.21 22.11
CA THR A 155 11.95 -25.09 20.70
C THR A 155 11.83 -23.64 20.22
N ILE A 156 10.72 -23.00 20.56
CA ILE A 156 10.52 -21.62 20.16
C ILE A 156 11.61 -20.74 20.75
N ASP A 157 11.96 -20.97 22.02
CA ASP A 157 12.99 -20.18 22.66
C ASP A 157 14.33 -20.36 21.96
N TYR A 158 14.57 -21.56 21.45
CA TYR A 158 15.81 -21.84 20.74
C TYR A 158 15.90 -21.00 19.47
N PHE A 159 14.83 -21.02 18.67
CA PHE A 159 14.79 -20.27 17.41
C PHE A 159 14.70 -18.76 17.61
N THR A 160 13.86 -18.32 18.54
CA THR A 160 13.69 -16.88 18.79
C THR A 160 13.67 -16.57 20.29
N PRO A 161 14.86 -16.40 20.89
CA PRO A 161 14.98 -16.10 22.31
C PRO A 161 14.92 -14.60 22.60
N SER A 162 15.20 -13.79 21.60
CA SER A 162 15.21 -12.35 21.79
C SER A 162 14.75 -11.54 20.58
N ILE A 163 14.76 -10.21 20.75
CA ILE A 163 14.33 -9.27 19.74
C ILE A 163 15.48 -8.35 19.31
N GLY A 164 15.81 -8.36 18.02
CA GLY A 164 16.89 -7.51 17.55
C GLY A 164 16.83 -7.10 16.10
N LEU A 165 15.71 -7.38 15.44
CA LEU A 165 15.55 -7.02 14.03
C LEU A 165 14.82 -5.68 13.85
N THR A 166 14.35 -5.40 12.64
CA THR A 166 13.67 -4.13 12.37
C THR A 166 12.26 -4.27 11.81
N GLY A 167 11.47 -3.22 12.00
CA GLY A 167 10.12 -3.19 11.50
C GLY A 167 9.27 -4.40 11.82
N ALA A 168 8.62 -4.92 10.78
CA ALA A 168 7.75 -6.08 10.93
C ALA A 168 8.47 -7.28 11.55
N ASN A 169 9.72 -7.51 11.15
CA ASN A 169 10.48 -8.63 11.70
C ASN A 169 10.68 -8.46 13.19
N ARG A 170 10.95 -7.24 13.63
CA ARG A 170 11.15 -6.97 15.04
C ARG A 170 9.83 -7.16 15.79
N ALA A 171 8.75 -6.64 15.22
CA ALA A 171 7.44 -6.79 15.85
C ALA A 171 7.07 -8.26 15.93
N TRP A 172 7.32 -9.00 14.86
CA TRP A 172 7.01 -10.43 14.85
C TRP A 172 7.80 -11.12 15.94
N GLN A 173 9.04 -10.70 16.12
CA GLN A 173 9.89 -11.28 17.16
C GLN A 173 9.26 -10.99 18.51
N ALA A 174 8.80 -9.75 18.69
CA ALA A 174 8.18 -9.32 19.93
C ALA A 174 6.97 -10.17 20.29
N ILE A 175 6.09 -10.41 19.32
CA ILE A 175 4.90 -11.22 19.58
C ILE A 175 5.25 -12.68 19.88
N VAL A 176 6.30 -13.20 19.24
CA VAL A 176 6.72 -14.58 19.47
C VAL A 176 7.21 -14.73 20.91
N VAL A 177 8.17 -13.89 21.29
CA VAL A 177 8.73 -13.92 22.63
C VAL A 177 7.66 -13.59 23.67
N GLY A 178 6.81 -12.63 23.33
CA GLY A 178 5.75 -12.20 24.22
C GLY A 178 4.70 -13.24 24.55
N VAL A 179 4.11 -13.86 23.54
CA VAL A 179 3.09 -14.86 23.80
C VAL A 179 3.67 -16.08 24.52
N ARG A 180 4.90 -16.47 24.16
CA ARG A 180 5.54 -17.59 24.82
C ARG A 180 5.78 -17.23 26.29
N ALA A 181 6.19 -15.98 26.53
CA ALA A 181 6.48 -15.50 27.87
C ALA A 181 5.24 -15.60 28.75
N VAL A 182 4.08 -15.41 28.14
CA VAL A 182 2.82 -15.51 28.86
C VAL A 182 2.53 -16.98 29.15
N ILE A 183 2.74 -17.82 28.16
CA ILE A 183 2.51 -19.25 28.30
C ILE A 183 3.39 -19.88 29.38
N VAL A 184 4.69 -19.62 29.34
CA VAL A 184 5.61 -20.18 30.34
C VAL A 184 5.68 -19.31 31.58
N LYS A 185 5.03 -18.16 31.53
CA LYS A 185 4.99 -17.23 32.65
C LYS A 185 6.36 -16.70 33.06
N ASP A 186 7.07 -16.09 32.11
CA ASP A 186 8.38 -15.52 32.36
C ASP A 186 8.28 -14.00 32.30
N ALA A 187 8.34 -13.36 33.47
CA ALA A 187 8.23 -11.90 33.55
C ALA A 187 9.35 -11.15 32.86
N VAL A 188 10.52 -11.76 32.78
CA VAL A 188 11.67 -11.13 32.13
C VAL A 188 11.49 -11.10 30.62
N LYS A 189 11.09 -12.22 30.05
CA LYS A 189 10.87 -12.32 28.61
C LYS A 189 9.68 -11.46 28.19
N LEU A 190 8.67 -11.41 29.04
CA LEU A 190 7.49 -10.61 28.74
C LEU A 190 7.83 -9.14 28.77
N ALA A 191 8.75 -8.76 29.66
CA ALA A 191 9.19 -7.37 29.77
C ALA A 191 9.97 -7.01 28.52
N ALA A 192 10.78 -7.96 28.05
CA ALA A 192 11.60 -7.77 26.86
C ALA A 192 10.73 -7.62 25.60
N ALA A 193 9.62 -8.36 25.55
CA ALA A 193 8.72 -8.30 24.40
C ALA A 193 8.10 -6.90 24.33
N ARG A 194 7.74 -6.36 25.49
CA ARG A 194 7.16 -5.03 25.57
C ARG A 194 8.17 -3.98 25.13
N ASN A 195 9.42 -4.15 25.56
CA ASN A 195 10.48 -3.22 25.23
C ASN A 195 10.85 -3.29 23.75
N GLY A 196 10.65 -4.47 23.15
CA GLY A 196 10.97 -4.63 21.75
C GLY A 196 10.28 -3.61 20.85
N LEU A 197 9.08 -3.19 21.24
CA LEU A 197 8.32 -2.23 20.46
C LEU A 197 8.96 -0.85 20.36
N SER A 198 9.87 -0.54 21.29
CA SER A 198 10.55 0.74 21.31
C SER A 198 11.73 0.76 20.35
N GLY A 199 12.00 -0.37 19.72
CA GLY A 199 13.13 -0.46 18.81
C GLY A 199 12.94 -0.05 17.36
N THR A 200 14.04 -0.13 16.62
CA THR A 200 14.14 0.23 15.22
C THR A 200 12.99 -0.21 14.31
N GLY A 201 12.38 0.75 13.62
CA GLY A 201 11.30 0.44 12.70
C GLY A 201 9.92 0.27 13.30
N ILE A 202 9.78 0.61 14.58
CA ILE A 202 8.47 0.51 15.22
C ILE A 202 8.08 1.87 15.80
N PHE A 203 8.01 1.99 17.13
CA PHE A 203 7.61 3.27 17.72
C PHE A 203 8.42 4.49 17.28
N PRO A 204 9.77 4.41 17.35
CA PRO A 204 10.58 5.55 16.94
C PRO A 204 10.63 5.79 15.43
N TYR A 205 10.44 7.05 15.04
CA TYR A 205 10.47 7.44 13.63
C TYR A 205 11.85 7.25 13.06
N ALA A 206 11.91 6.67 11.86
CA ALA A 206 13.16 6.46 11.17
C ALA A 206 13.38 7.62 10.22
N THR A 207 14.64 7.95 9.96
CA THR A 207 14.98 9.03 9.04
C THR A 207 15.68 8.39 7.85
N GLY A 208 15.92 7.09 7.97
CA GLY A 208 16.55 6.32 6.92
C GLY A 208 16.37 4.85 7.19
N GLY A 209 16.32 4.03 6.15
CA GLY A 209 16.13 2.60 6.37
C GLY A 209 14.71 2.20 6.70
N ASP A 210 14.56 1.07 7.39
CA ASP A 210 13.24 0.55 7.74
C ASP A 210 12.56 1.33 8.85
N GLY A 211 11.23 1.37 8.79
CA GLY A 211 10.46 2.07 9.81
C GLY A 211 9.48 3.09 9.26
N PHE A 212 8.77 3.74 10.18
CA PHE A 212 7.80 4.78 9.84
C PHE A 212 8.52 6.11 9.85
N TYR A 213 8.17 6.97 8.89
CA TYR A 213 8.78 8.28 8.79
C TYR A 213 7.80 9.34 9.25
N ALA A 214 8.33 10.48 9.68
CA ALA A 214 7.50 11.57 10.15
C ALA A 214 6.52 12.03 9.07
N ASP A 215 6.91 11.90 7.80
CA ASP A 215 6.03 12.34 6.71
C ASP A 215 4.95 11.34 6.35
N GLY A 216 4.88 10.23 7.10
CA GLY A 216 3.86 9.23 6.86
C GLY A 216 4.30 7.97 6.11
N SER A 217 5.48 7.99 5.54
CA SER A 217 5.99 6.84 4.78
C SER A 217 6.34 5.66 5.69
N PHE A 218 6.51 4.50 5.07
CA PHE A 218 6.93 3.31 5.77
C PHE A 218 7.80 2.53 4.80
N VAL A 219 8.95 2.10 5.28
CA VAL A 219 9.88 1.35 4.45
C VAL A 219 10.26 0.05 5.15
N GLN A 220 10.53 -0.97 4.35
CA GLN A 220 10.97 -2.26 4.86
C GLN A 220 11.94 -2.74 3.79
N HIS A 221 12.90 -3.57 4.19
CA HIS A 221 13.91 -4.07 3.28
C HIS A 221 14.75 -2.94 2.69
N THR A 222 15.04 -1.97 3.55
CA THR A 222 15.90 -0.83 3.25
C THR A 222 15.48 0.19 2.21
N THR A 223 14.99 -0.25 1.06
CA THR A 223 14.64 0.69 0.01
C THR A 223 13.28 0.49 -0.67
N PHE A 224 12.34 -0.18 -0.01
CA PHE A 224 11.04 -0.40 -0.63
C PHE A 224 9.85 0.22 0.12
N ALA A 225 8.95 0.84 -0.63
CA ALA A 225 7.74 1.44 -0.05
C ALA A 225 6.90 0.24 0.38
N TYR A 226 6.58 0.15 1.66
CA TYR A 226 5.85 -1.01 2.16
C TYR A 226 4.72 -0.80 3.16
N THR A 227 4.16 0.41 3.20
CA THR A 227 3.08 0.68 4.14
C THR A 227 2.00 -0.41 4.11
N GLY A 228 1.66 -0.88 2.91
CA GLY A 228 0.60 -1.87 2.79
C GLY A 228 0.98 -3.35 2.82
N GLY A 229 2.26 -3.65 2.87
CA GLY A 229 2.72 -5.03 2.92
C GLY A 229 3.27 -5.28 4.30
N TYR A 230 4.58 -5.12 4.46
CA TYR A 230 5.21 -5.29 5.76
C TYR A 230 4.63 -4.27 6.73
N GLY A 231 4.20 -3.13 6.18
CA GLY A 231 3.61 -2.09 7.01
C GLY A 231 2.35 -2.59 7.67
N SER A 232 1.55 -3.35 6.93
CA SER A 232 0.32 -3.90 7.47
C SER A 232 0.67 -4.88 8.60
N SER A 233 1.71 -5.68 8.38
CA SER A 233 2.14 -6.65 9.38
C SER A 233 2.59 -5.98 10.67
N VAL A 234 3.41 -4.93 10.56
CA VAL A 234 3.89 -4.26 11.76
C VAL A 234 2.72 -3.65 12.53
N LEU A 235 1.74 -3.12 11.82
CA LEU A 235 0.58 -2.51 12.48
C LEU A 235 -0.26 -3.57 13.20
N GLU A 236 -0.52 -4.68 12.51
CA GLU A 236 -1.31 -5.77 13.08
C GLU A 236 -0.68 -6.34 14.34
N THR A 237 0.62 -6.64 14.28
CA THR A 237 1.35 -7.21 15.39
C THR A 237 1.48 -6.22 16.53
N THR A 238 1.86 -4.98 16.20
CA THR A 238 2.01 -3.94 17.20
C THR A 238 0.67 -3.73 17.91
N ALA A 239 -0.41 -3.67 17.14
CA ALA A 239 -1.74 -3.47 17.71
C ALA A 239 -2.14 -4.62 18.63
N ASN A 240 -1.92 -5.86 18.19
CA ASN A 240 -2.27 -7.03 19.00
C ASN A 240 -1.45 -7.10 20.29
N LEU A 241 -0.14 -6.85 20.18
CA LEU A 241 0.72 -6.91 21.35
C LEU A 241 0.36 -5.81 22.36
N MET A 242 0.21 -4.59 21.87
CA MET A 242 -0.15 -3.48 22.75
C MET A 242 -1.47 -3.74 23.47
N TYR A 243 -2.46 -4.24 22.73
CA TYR A 243 -3.76 -4.55 23.34
C TYR A 243 -3.57 -5.59 24.44
N LEU A 244 -2.83 -6.65 24.14
CA LEU A 244 -2.59 -7.71 25.11
C LEU A 244 -2.00 -7.18 26.41
N LEU A 245 -0.94 -6.39 26.30
CA LEU A 245 -0.24 -5.83 27.46
C LEU A 245 -0.96 -4.67 28.16
N SER A 246 -1.82 -3.97 27.44
CA SER A 246 -2.52 -2.82 28.01
C SER A 246 -3.26 -3.11 29.31
N GLY A 247 -2.98 -2.30 30.33
CA GLY A 247 -3.61 -2.46 31.62
C GLY A 247 -2.94 -3.48 32.51
N SER A 248 -1.85 -4.08 32.04
CA SER A 248 -1.16 -5.07 32.85
C SER A 248 0.17 -4.53 33.36
N THR A 249 0.87 -5.33 34.15
CA THR A 249 2.15 -4.95 34.73
C THR A 249 3.17 -4.63 33.64
N TRP A 250 2.93 -5.16 32.44
CA TRP A 250 3.85 -4.95 31.34
C TRP A 250 3.26 -4.03 30.26
N SER A 251 2.24 -3.28 30.63
CA SER A 251 1.60 -2.35 29.70
C SER A 251 2.67 -1.44 29.10
N VAL A 252 2.56 -1.16 27.81
CA VAL A 252 3.52 -0.30 27.13
C VAL A 252 3.49 1.11 27.72
N SER A 253 4.64 1.60 28.14
CA SER A 253 4.76 2.93 28.75
C SER A 253 5.55 3.92 27.91
N ASP A 254 6.29 3.40 26.94
CA ASP A 254 7.09 4.25 26.06
C ASP A 254 6.21 5.37 25.51
N PRO A 255 6.63 6.65 25.68
CA PRO A 255 5.84 7.78 25.18
C PRO A 255 5.68 7.78 23.66
N ASN A 256 6.64 7.18 22.95
CA ASN A 256 6.58 7.13 21.49
C ASN A 256 5.43 6.28 20.96
N GLN A 257 4.73 5.58 21.85
CA GLN A 257 3.62 4.74 21.40
C GLN A 257 2.53 5.61 20.79
N SER A 258 2.55 6.90 21.11
CA SER A 258 1.56 7.84 20.58
C SER A 258 1.77 7.99 19.07
N ASN A 259 2.95 7.58 18.58
CA ASN A 259 3.26 7.65 17.16
C ASN A 259 2.32 6.70 16.40
N VAL A 260 1.91 5.62 17.07
CA VAL A 260 1.03 4.64 16.44
C VAL A 260 -0.25 5.30 15.95
N TRP A 261 -0.77 6.24 16.75
CA TRP A 261 -1.99 6.93 16.38
C TRP A 261 -1.76 7.68 15.07
N GLN A 262 -0.59 8.31 14.95
CA GLN A 262 -0.24 9.05 13.74
C GLN A 262 -0.09 8.15 12.52
N TRP A 263 0.34 6.91 12.74
CA TRP A 263 0.48 5.98 11.61
C TRP A 263 -0.89 5.87 10.95
N ILE A 264 -1.92 5.68 11.77
CA ILE A 264 -3.28 5.53 11.27
C ILE A 264 -3.74 6.73 10.44
N TYR A 265 -3.65 7.93 11.02
CA TYR A 265 -4.08 9.15 10.33
C TYR A 265 -3.25 9.53 9.10
N GLU A 266 -1.93 9.43 9.21
CA GLU A 266 -1.02 9.83 8.13
C GLU A 266 -0.44 8.74 7.24
N ALA A 267 -0.19 7.56 7.79
CA ALA A 267 0.42 6.47 7.00
C ALA A 267 -0.58 5.58 6.27
N TYR A 268 -1.67 5.23 6.94
CA TYR A 268 -2.66 4.34 6.34
C TYR A 268 -3.91 5.00 5.76
N ARG A 269 -4.51 5.93 6.49
CA ARG A 269 -5.73 6.60 6.04
C ARG A 269 -5.68 7.17 4.62
N PRO A 270 -4.64 7.94 4.27
CA PRO A 270 -4.54 8.52 2.93
C PRO A 270 -4.34 7.51 1.80
N LEU A 271 -3.95 6.29 2.15
CA LEU A 271 -3.71 5.26 1.16
C LEU A 271 -4.80 4.19 1.06
N LEU A 272 -5.96 4.47 1.65
CA LEU A 272 -7.09 3.56 1.62
C LEU A 272 -8.19 4.18 0.78
N TYR A 273 -8.83 3.39 -0.08
CA TYR A 273 -9.94 3.92 -0.85
C TYR A 273 -11.09 2.92 -0.85
N LYS A 274 -12.12 3.24 -0.08
CA LYS A 274 -13.30 2.39 0.08
C LYS A 274 -12.98 0.92 0.35
N GLY A 275 -12.02 0.69 1.25
CA GLY A 275 -11.67 -0.66 1.62
C GLY A 275 -10.41 -1.24 1.01
N ALA A 276 -9.89 -0.62 -0.03
CA ALA A 276 -8.67 -1.11 -0.66
C ALA A 276 -7.41 -0.39 -0.18
N MET A 277 -6.37 -1.18 0.06
CA MET A 277 -5.07 -0.62 0.46
C MET A 277 -4.28 -0.61 -0.85
N MET A 278 -3.97 0.59 -1.33
CA MET A 278 -3.26 0.76 -2.59
C MET A 278 -2.06 -0.15 -2.80
N ASP A 279 -2.09 -0.86 -3.93
CA ASP A 279 -1.04 -1.78 -4.29
C ASP A 279 0.35 -1.15 -4.38
N MET A 280 0.42 0.14 -4.67
CA MET A 280 1.72 0.79 -4.82
C MET A 280 2.58 0.74 -3.55
N VAL A 281 1.97 0.41 -2.42
CA VAL A 281 2.71 0.32 -1.16
C VAL A 281 2.68 -1.09 -0.57
N ARG A 282 2.42 -2.09 -1.40
CA ARG A 282 2.38 -3.47 -0.91
C ARG A 282 3.56 -4.31 -1.39
N GLY A 283 4.48 -3.67 -2.12
CA GLY A 283 5.66 -4.37 -2.60
C GLY A 283 5.40 -5.63 -3.41
N ARG A 284 6.14 -6.68 -3.10
CA ARG A 284 5.99 -7.94 -3.82
C ARG A 284 4.68 -8.64 -3.49
N GLU A 285 3.99 -8.17 -2.46
CA GLU A 285 2.73 -8.78 -2.05
C GLU A 285 1.57 -8.63 -3.05
N ILE A 286 1.74 -7.78 -4.06
CA ILE A 286 0.69 -7.63 -5.06
C ILE A 286 0.55 -8.94 -5.83
N SER A 287 1.56 -9.80 -5.73
CA SER A 287 1.52 -11.08 -6.46
C SER A 287 0.90 -12.22 -5.66
N ARG A 288 0.30 -11.90 -4.52
CA ARG A 288 -0.33 -12.91 -3.67
C ARG A 288 -1.83 -12.88 -3.85
N SER A 289 -2.39 -13.98 -4.35
CA SER A 289 -3.83 -14.07 -4.60
C SER A 289 -4.67 -13.88 -3.33
N TYR A 290 -4.15 -14.32 -2.19
CA TYR A 290 -4.89 -14.19 -0.93
C TYR A 290 -4.74 -12.81 -0.31
N ALA A 291 -4.03 -11.90 -0.99
CA ALA A 291 -3.84 -10.58 -0.47
C ALA A 291 -3.99 -9.49 -1.52
N GLN A 292 -5.15 -9.45 -2.17
CA GLN A 292 -5.41 -8.42 -3.18
C GLN A 292 -5.80 -7.19 -2.37
N ASP A 293 -5.85 -6.01 -2.99
CA ASP A 293 -6.08 -4.80 -2.20
C ASP A 293 -7.21 -4.70 -1.17
N HIS A 294 -8.41 -5.18 -1.48
CA HIS A 294 -9.48 -5.10 -0.50
C HIS A 294 -9.28 -6.03 0.70
N ALA A 295 -8.69 -7.21 0.46
CA ALA A 295 -8.44 -8.15 1.54
C ALA A 295 -7.39 -7.59 2.49
N VAL A 296 -6.43 -6.86 1.94
CA VAL A 296 -5.38 -6.26 2.76
C VAL A 296 -6.00 -5.09 3.52
N GLY A 297 -6.80 -4.29 2.81
CA GLY A 297 -7.46 -3.17 3.44
C GLY A 297 -8.31 -3.61 4.63
N HIS A 298 -9.06 -4.71 4.47
CA HIS A 298 -9.87 -5.22 5.56
C HIS A 298 -8.96 -5.51 6.76
N GLY A 299 -7.78 -6.05 6.50
CA GLY A 299 -6.83 -6.34 7.57
C GLY A 299 -6.40 -5.08 8.30
N ILE A 300 -6.21 -4.00 7.55
CA ILE A 300 -5.81 -2.72 8.14
C ILE A 300 -6.92 -2.23 9.05
N VAL A 301 -8.17 -2.35 8.60
CA VAL A 301 -9.31 -1.91 9.40
C VAL A 301 -9.44 -2.76 10.67
N ALA A 302 -9.10 -4.03 10.56
CA ALA A 302 -9.16 -4.93 11.70
C ALA A 302 -8.20 -4.44 12.78
N SER A 303 -7.01 -3.99 12.37
CA SER A 303 -6.03 -3.49 13.33
C SER A 303 -6.54 -2.21 13.99
N ILE A 304 -7.17 -1.35 13.19
CA ILE A 304 -7.73 -0.10 13.71
C ILE A 304 -8.78 -0.43 14.75
N VAL A 305 -9.60 -1.44 14.47
CA VAL A 305 -10.62 -1.86 15.42
C VAL A 305 -9.94 -2.38 16.69
N ARG A 306 -8.80 -3.05 16.52
CA ARG A 306 -8.07 -3.59 17.67
C ARG A 306 -7.56 -2.45 18.55
N LEU A 307 -7.01 -1.40 17.93
CA LEU A 307 -6.48 -0.25 18.64
C LEU A 307 -7.57 0.51 19.39
N ALA A 308 -8.77 0.57 18.79
CA ALA A 308 -9.88 1.28 19.39
C ALA A 308 -10.26 0.69 20.75
N GLN A 309 -9.83 -0.54 20.99
CA GLN A 309 -10.15 -1.23 22.25
C GLN A 309 -9.40 -0.69 23.46
N PHE A 310 -8.21 -0.14 23.25
CA PHE A 310 -7.41 0.34 24.38
C PHE A 310 -6.83 1.74 24.21
N ALA A 311 -6.80 2.26 22.98
CA ALA A 311 -6.25 3.59 22.74
C ALA A 311 -6.96 4.65 23.58
N PRO A 312 -6.24 5.72 23.95
CA PRO A 312 -6.80 6.80 24.75
C PRO A 312 -7.61 7.78 23.89
N ALA A 313 -8.39 8.62 24.56
CA ALA A 313 -9.20 9.62 23.85
C ALA A 313 -8.27 10.69 23.30
N PRO A 314 -8.65 11.30 22.16
CA PRO A 314 -9.86 11.00 21.39
C PRO A 314 -9.59 10.03 20.25
N HIS A 315 -8.48 9.32 20.33
CA HIS A 315 -8.08 8.39 19.28
C HIS A 315 -8.97 7.16 19.15
N ALA A 316 -9.36 6.58 20.27
CA ALA A 316 -10.22 5.41 20.23
C ALA A 316 -11.49 5.72 19.44
N ALA A 317 -12.08 6.89 19.70
CA ALA A 317 -13.31 7.31 19.04
C ALA A 317 -13.09 7.57 17.55
N ALA A 318 -11.99 8.22 17.21
CA ALA A 318 -11.67 8.53 15.82
C ALA A 318 -11.46 7.23 15.05
N PHE A 319 -10.82 6.26 15.71
CA PHE A 319 -10.56 4.97 15.10
C PHE A 319 -11.87 4.26 14.78
N LYS A 320 -12.80 4.27 15.74
CA LYS A 320 -14.09 3.65 15.54
C LYS A 320 -14.84 4.27 14.35
N GLN A 321 -14.75 5.60 14.23
CA GLN A 321 -15.39 6.31 13.13
C GLN A 321 -14.77 5.92 11.78
N ILE A 322 -13.45 5.81 11.74
CA ILE A 322 -12.74 5.43 10.52
C ILE A 322 -13.17 4.03 10.10
N ALA A 323 -13.11 3.09 11.02
CA ALA A 323 -13.50 1.71 10.74
C ALA A 323 -14.93 1.64 10.21
N LYS A 324 -15.85 2.35 10.86
CA LYS A 324 -17.25 2.32 10.44
C LYS A 324 -17.43 2.87 9.04
N ARG A 325 -16.66 3.89 8.70
CA ARG A 325 -16.76 4.44 7.35
C ARG A 325 -16.33 3.42 6.32
N VAL A 326 -15.14 2.86 6.50
CA VAL A 326 -14.61 1.91 5.54
C VAL A 326 -15.49 0.67 5.41
N ILE A 327 -16.05 0.18 6.51
CA ILE A 327 -16.90 -1.00 6.44
C ILE A 327 -18.13 -0.70 5.59
N GLN A 328 -18.72 0.47 5.77
CA GLN A 328 -19.91 0.85 4.99
C GLN A 328 -19.55 1.19 3.54
N GLU A 329 -18.35 1.73 3.33
CA GLU A 329 -17.88 2.11 1.99
C GLU A 329 -17.62 0.94 1.05
N ASP A 330 -17.03 -0.13 1.57
CA ASP A 330 -16.67 -1.27 0.76
C ASP A 330 -17.82 -2.20 0.38
N THR A 331 -18.38 -1.95 -0.80
CA THR A 331 -19.48 -2.75 -1.32
C THR A 331 -18.97 -3.80 -2.28
N PHE A 332 -17.65 -4.00 -2.30
CA PHE A 332 -17.04 -5.00 -3.18
C PHE A 332 -16.96 -6.34 -2.49
N SER A 333 -16.45 -6.32 -1.26
CA SER A 333 -16.28 -7.52 -0.45
C SER A 333 -16.65 -7.23 1.00
N SER A 334 -17.35 -8.16 1.64
CA SER A 334 -17.75 -7.96 3.03
C SER A 334 -16.54 -7.97 3.96
N PHE A 335 -16.40 -6.92 4.74
CA PHE A 335 -15.30 -6.79 5.68
C PHE A 335 -15.21 -7.99 6.64
N TYR A 336 -16.36 -8.42 7.13
CA TYR A 336 -16.43 -9.55 8.07
C TYR A 336 -16.03 -10.87 7.43
N GLY A 337 -15.99 -10.90 6.11
CA GLY A 337 -15.65 -12.13 5.42
C GLY A 337 -14.20 -12.58 5.53
N ASP A 338 -13.29 -11.69 5.87
CA ASP A 338 -11.90 -12.09 5.97
C ASP A 338 -11.09 -11.51 7.12
N VAL A 339 -11.73 -11.36 8.27
CA VAL A 339 -11.05 -10.87 9.48
C VAL A 339 -11.36 -11.88 10.59
N SER A 340 -10.62 -11.83 11.70
CA SER A 340 -10.82 -12.77 12.79
C SER A 340 -12.24 -12.76 13.37
N THR A 341 -12.60 -13.84 14.04
CA THR A 341 -13.91 -13.97 14.67
C THR A 341 -14.11 -12.86 15.70
N ASP A 342 -13.04 -12.51 16.41
CA ASP A 342 -13.11 -11.47 17.43
C ASP A 342 -13.26 -10.09 16.81
N THR A 343 -12.67 -9.91 15.64
CA THR A 343 -12.76 -8.62 14.95
C THR A 343 -14.21 -8.39 14.55
N ILE A 344 -14.87 -9.45 14.10
CA ILE A 344 -16.26 -9.36 13.70
C ILE A 344 -17.07 -8.88 14.91
N ARG A 345 -16.90 -9.56 16.05
CA ARG A 345 -17.61 -9.20 17.26
C ARG A 345 -17.40 -7.73 17.62
N LEU A 346 -16.13 -7.31 17.62
CA LEU A 346 -15.80 -5.95 17.97
C LEU A 346 -16.25 -4.93 16.93
N ALA A 347 -16.15 -5.29 15.65
CA ALA A 347 -16.55 -4.39 14.58
C ALA A 347 -18.06 -4.14 14.57
N LYS A 348 -18.84 -5.22 14.65
CA LYS A 348 -20.30 -5.09 14.65
C LYS A 348 -20.75 -4.16 15.77
N ALA A 349 -20.08 -4.24 16.91
CA ALA A 349 -20.42 -3.40 18.05
C ALA A 349 -20.28 -1.93 17.66
N ILE A 350 -19.31 -1.65 16.79
CA ILE A 350 -19.07 -0.27 16.34
C ILE A 350 -20.10 0.14 15.29
N VAL A 351 -20.33 -0.74 14.32
CA VAL A 351 -21.29 -0.46 13.25
C VAL A 351 -22.71 -0.31 13.78
N ASP A 352 -23.07 -1.11 14.79
CA ASP A 352 -24.41 -1.06 15.35
C ASP A 352 -24.64 0.05 16.35
N ASP A 353 -23.58 0.79 16.69
CA ASP A 353 -23.70 1.89 17.64
C ASP A 353 -24.04 3.18 16.87
N PRO A 354 -25.27 3.69 17.05
CA PRO A 354 -25.76 4.91 16.39
C PRO A 354 -25.05 6.20 16.81
N SER A 355 -24.38 6.17 17.96
CA SER A 355 -23.69 7.35 18.44
C SER A 355 -22.35 7.53 17.75
N ILE A 356 -21.99 6.55 16.91
CA ILE A 356 -20.74 6.60 16.17
C ILE A 356 -21.03 6.91 14.72
N ALA A 357 -20.59 8.08 14.26
CA ALA A 357 -20.80 8.48 12.88
C ALA A 357 -19.57 8.13 12.05
N PRO A 358 -19.77 7.64 10.83
CA PRO A 358 -18.62 7.28 9.98
C PRO A 358 -17.79 8.54 9.81
N ALA A 359 -16.48 8.40 9.82
CA ALA A 359 -15.61 9.56 9.65
C ALA A 359 -15.74 10.09 8.23
N ALA A 360 -15.30 11.32 8.00
CA ALA A 360 -15.37 11.89 6.66
C ALA A 360 -14.33 11.16 5.83
N ALA A 361 -14.48 11.22 4.51
CA ALA A 361 -13.51 10.57 3.62
C ALA A 361 -12.33 11.52 3.50
N PRO A 362 -11.11 10.97 3.33
CA PRO A 362 -9.97 11.88 3.20
C PRO A 362 -10.09 12.73 1.94
N ASN A 363 -9.57 13.94 2.01
CA ASN A 363 -9.59 14.86 0.88
C ASN A 363 -8.31 15.66 1.00
N LEU A 364 -7.34 15.34 0.14
CA LEU A 364 -6.05 15.99 0.19
C LEU A 364 -5.11 15.52 -0.91
N TYR A 365 -3.92 16.08 -0.89
CA TYR A 365 -2.84 15.70 -1.78
C TYR A 365 -1.77 15.44 -0.72
N LYS A 366 -1.08 14.32 -0.79
CA LYS A 366 -0.04 14.04 0.18
C LYS A 366 1.22 13.54 -0.49
N GLN A 367 2.36 14.10 -0.10
CA GLN A 367 3.62 13.68 -0.66
C GLN A 367 4.38 12.79 0.32
N TYR A 368 4.61 11.54 -0.07
CA TYR A 368 5.35 10.62 0.77
C TYR A 368 6.79 10.63 0.26
N ALA A 369 7.48 11.72 0.55
CA ALA A 369 8.85 11.92 0.11
C ALA A 369 9.81 10.79 0.47
N ALA A 370 9.63 10.23 1.67
CA ALA A 370 10.51 9.16 2.13
C ALA A 370 10.37 7.83 1.41
N MET A 371 9.29 7.61 0.66
CA MET A 371 9.16 6.36 -0.07
C MET A 371 8.77 6.57 -1.53
N ASP A 372 9.08 7.75 -2.05
CA ASP A 372 8.80 8.08 -3.45
C ASP A 372 7.37 7.79 -3.89
N ARG A 373 6.41 8.15 -3.05
CA ARG A 373 5.00 7.95 -3.35
C ARG A 373 4.24 9.27 -3.20
N ALA A 374 3.07 9.35 -3.82
CA ALA A 374 2.24 10.54 -3.71
C ALA A 374 0.80 10.08 -3.87
N VAL A 375 -0.14 10.80 -3.28
CA VAL A 375 -1.54 10.43 -3.40
C VAL A 375 -2.46 11.64 -3.41
N LEU A 376 -3.56 11.51 -4.16
CA LEU A 376 -4.57 12.55 -4.25
C LEU A 376 -5.90 11.89 -3.90
N GLN A 377 -6.60 12.43 -2.91
CA GLN A 377 -7.90 11.89 -2.49
C GLN A 377 -8.95 12.98 -2.67
N ARG A 378 -10.04 12.62 -3.34
CA ARG A 378 -11.11 13.56 -3.61
C ARG A 378 -12.45 12.84 -3.55
N PRO A 379 -13.56 13.58 -3.64
CA PRO A 379 -14.85 12.89 -3.60
C PRO A 379 -14.99 12.10 -4.89
N GLY A 380 -15.28 10.80 -4.80
CA GLY A 380 -15.44 10.03 -6.03
C GLY A 380 -14.19 9.40 -6.63
N PHE A 381 -13.00 9.72 -6.12
CA PHE A 381 -11.79 9.10 -6.65
C PHE A 381 -10.52 9.38 -5.86
N ALA A 382 -9.49 8.61 -6.15
CA ALA A 382 -8.18 8.75 -5.54
C ALA A 382 -7.20 8.36 -6.62
N LEU A 383 -6.05 9.03 -6.64
CA LEU A 383 -5.02 8.75 -7.62
C LEU A 383 -3.74 8.48 -6.85
N GLY A 384 -3.13 7.32 -7.11
CA GLY A 384 -1.88 6.99 -6.45
C GLY A 384 -0.74 7.05 -7.46
N LEU A 385 0.38 7.62 -7.05
CA LEU A 385 1.53 7.74 -7.94
C LEU A 385 2.74 7.03 -7.32
N ALA A 386 3.34 6.11 -8.07
CA ALA A 386 4.48 5.35 -7.57
C ALA A 386 5.75 5.62 -8.38
N LEU A 387 6.79 6.06 -7.69
CA LEU A 387 8.06 6.38 -8.32
C LEU A 387 9.20 5.62 -7.65
N TYR A 388 10.42 5.83 -8.15
CA TYR A 388 11.61 5.21 -7.56
C TYR A 388 12.78 6.15 -7.83
N SER A 389 13.91 5.91 -7.17
CA SER A 389 15.05 6.80 -7.32
C SER A 389 16.30 6.15 -6.77
N THR A 390 17.28 6.99 -6.42
CA THR A 390 18.52 6.53 -5.85
C THR A 390 18.24 6.04 -4.43
N ARG A 391 17.09 6.42 -3.87
CA ARG A 391 16.72 6.05 -2.51
C ARG A 391 15.72 4.89 -2.42
N ILE A 392 14.78 4.84 -3.36
CA ILE A 392 13.75 3.80 -3.39
C ILE A 392 13.88 2.93 -4.64
N SER A 393 13.86 1.61 -4.44
CA SER A 393 14.00 0.67 -5.54
C SER A 393 12.81 0.57 -6.49
N SER A 394 13.09 0.12 -7.72
CA SER A 394 12.06 -0.02 -8.75
C SER A 394 10.92 -0.94 -8.33
N TYR A 395 11.28 -2.11 -7.81
CA TYR A 395 10.30 -3.10 -7.37
C TYR A 395 11.06 -4.25 -6.69
N GLU A 396 10.36 -5.02 -5.87
CA GLU A 396 11.00 -6.15 -5.20
C GLU A 396 10.45 -7.49 -5.69
N SER A 397 11.36 -8.44 -5.89
CA SER A 397 10.97 -9.77 -6.30
C SER A 397 11.93 -10.77 -5.70
N ILE A 398 11.51 -11.39 -4.60
CA ILE A 398 12.32 -12.39 -3.93
C ILE A 398 11.44 -13.60 -3.65
N ASN A 399 12.07 -14.72 -3.29
CA ASN A 399 11.35 -15.95 -3.01
C ASN A 399 10.33 -16.32 -4.07
N SER A 400 10.68 -16.02 -5.33
CA SER A 400 9.83 -16.33 -6.48
C SER A 400 8.50 -15.57 -6.52
N GLU A 401 8.45 -14.40 -5.89
CA GLU A 401 7.23 -13.59 -5.89
C GLU A 401 7.41 -12.30 -6.66
N ASN A 402 6.33 -11.86 -7.32
CA ASN A 402 6.32 -10.60 -8.06
C ASN A 402 7.33 -10.55 -9.21
N GLY A 403 7.42 -11.65 -9.96
CA GLY A 403 8.36 -11.72 -11.07
C GLY A 403 8.15 -10.68 -12.15
N ARG A 404 6.91 -10.23 -12.33
CA ARG A 404 6.60 -9.23 -13.35
C ARG A 404 6.28 -7.86 -12.76
N GLY A 405 6.89 -7.51 -11.63
CA GLY A 405 6.63 -6.23 -11.01
C GLY A 405 7.42 -5.04 -11.55
N TRP A 406 8.21 -5.30 -12.60
CA TRP A 406 9.06 -4.32 -13.25
C TRP A 406 8.74 -2.82 -13.17
N TYR A 407 7.61 -2.44 -13.74
CA TYR A 407 7.23 -1.02 -13.79
C TYR A 407 6.17 -0.54 -12.80
N THR A 408 5.85 -1.36 -11.80
CA THR A 408 4.83 -1.00 -10.83
C THR A 408 5.17 0.24 -10.01
N GLY A 409 6.43 0.68 -10.08
CA GLY A 409 6.85 1.87 -9.34
C GLY A 409 7.71 2.81 -10.17
N ALA A 410 7.50 2.81 -11.48
CA ALA A 410 8.27 3.64 -12.39
C ALA A 410 7.41 4.74 -13.03
N GLY A 411 6.84 5.59 -12.18
CA GLY A 411 5.97 6.65 -12.69
C GLY A 411 4.62 6.06 -13.02
N ALA A 412 4.22 5.05 -12.24
CA ALA A 412 2.95 4.36 -12.43
C ALA A 412 1.80 5.08 -11.75
N THR A 413 0.70 5.25 -12.48
CA THR A 413 -0.47 5.93 -11.93
C THR A 413 -1.57 4.92 -11.65
N TYR A 414 -2.20 5.04 -10.49
CA TYR A 414 -3.30 4.15 -10.11
C TYR A 414 -4.54 5.00 -9.83
N LEU A 415 -5.62 4.74 -10.54
CA LEU A 415 -6.86 5.49 -10.36
C LEU A 415 -7.91 4.63 -9.68
N TYR A 416 -8.45 5.15 -8.59
CA TYR A 416 -9.46 4.45 -7.81
C TYR A 416 -10.78 5.18 -7.93
N ASN A 417 -11.81 4.46 -8.38
CA ASN A 417 -13.14 5.04 -8.51
C ASN A 417 -14.20 4.06 -8.03
N GLN A 418 -15.44 4.25 -8.46
CA GLN A 418 -16.51 3.38 -8.00
C GLN A 418 -16.34 1.90 -8.40
N ASP A 419 -15.42 1.63 -9.31
CA ASP A 419 -15.13 0.24 -9.72
C ASP A 419 -14.13 -0.28 -8.71
N LEU A 420 -14.62 -0.61 -7.51
CA LEU A 420 -13.78 -1.08 -6.43
C LEU A 420 -12.94 -2.32 -6.76
N ALA A 421 -13.43 -3.12 -7.71
CA ALA A 421 -12.75 -4.36 -8.09
C ALA A 421 -11.64 -4.22 -9.14
N GLN A 422 -11.42 -3.01 -9.63
CA GLN A 422 -10.40 -2.76 -10.66
C GLN A 422 -9.08 -3.48 -10.47
N TYR A 423 -8.48 -3.35 -9.30
CA TYR A 423 -7.18 -3.99 -9.04
C TYR A 423 -7.27 -5.34 -8.34
N SER A 424 -8.49 -5.80 -8.11
CA SER A 424 -8.71 -7.11 -7.49
C SER A 424 -9.26 -7.99 -8.60
N GLU A 425 -9.85 -9.12 -8.24
CA GLU A 425 -10.40 -10.05 -9.21
C GLU A 425 -9.36 -10.46 -10.25
N ASP A 426 -8.19 -10.84 -9.74
CA ASP A 426 -7.08 -11.33 -10.56
C ASP A 426 -6.52 -10.37 -11.60
N TYR A 427 -6.41 -9.11 -11.22
CA TYR A 427 -5.88 -8.07 -12.09
C TYR A 427 -4.40 -8.34 -12.38
N TRP A 428 -3.63 -8.58 -11.32
CA TRP A 428 -2.19 -8.78 -11.45
C TRP A 428 -1.66 -9.94 -12.30
N PRO A 429 -2.34 -11.10 -12.29
CA PRO A 429 -1.83 -12.21 -13.12
C PRO A 429 -2.29 -12.13 -14.59
N THR A 430 -3.12 -11.14 -14.91
CA THR A 430 -3.62 -11.02 -16.27
C THR A 430 -3.21 -9.75 -17.01
N VAL A 431 -3.05 -8.66 -16.27
CA VAL A 431 -2.68 -7.38 -16.87
C VAL A 431 -1.33 -7.50 -17.58
N ASP A 432 -1.17 -6.74 -18.65
CA ASP A 432 0.09 -6.76 -19.37
C ASP A 432 1.09 -5.99 -18.51
N ALA A 433 1.97 -6.73 -17.83
CA ALA A 433 2.97 -6.14 -16.94
C ALA A 433 3.94 -5.19 -17.61
N TYR A 434 4.02 -5.23 -18.93
CA TYR A 434 4.91 -4.34 -19.68
C TYR A 434 4.27 -2.98 -19.95
N ARG A 435 2.97 -2.86 -19.67
CA ARG A 435 2.28 -1.61 -19.90
C ARG A 435 1.51 -1.11 -18.68
N ILE A 436 2.25 -0.74 -17.65
CA ILE A 436 1.66 -0.21 -16.43
C ILE A 436 1.24 1.23 -16.75
N PRO A 437 0.00 1.59 -16.40
CA PRO A 437 -0.51 2.94 -16.65
C PRO A 437 0.43 4.05 -16.20
N GLY A 438 0.58 5.07 -17.04
CA GLY A 438 1.42 6.21 -16.72
C GLY A 438 2.91 6.14 -17.02
N THR A 439 3.44 4.93 -17.16
CA THR A 439 4.87 4.77 -17.40
C THR A 439 5.33 4.93 -18.85
N THR A 440 6.64 5.12 -18.99
CA THR A 440 7.30 5.26 -20.30
C THR A 440 8.35 4.16 -20.29
N VAL A 441 8.30 3.28 -21.28
CA VAL A 441 9.24 2.15 -21.32
C VAL A 441 9.65 1.72 -22.73
N ALA A 442 10.65 0.84 -22.80
CA ALA A 442 11.08 0.27 -24.06
C ALA A 442 10.07 -0.86 -24.22
N SER A 443 9.33 -0.85 -25.32
CA SER A 443 8.28 -1.85 -25.55
C SER A 443 8.66 -3.30 -25.23
N GLY A 444 7.82 -3.93 -24.42
CA GLY A 444 8.03 -5.33 -24.04
C GLY A 444 9.35 -5.67 -23.40
N THR A 445 10.04 -4.67 -22.86
CA THR A 445 11.33 -4.89 -22.24
C THR A 445 11.28 -4.61 -20.74
N PRO A 446 11.85 -5.51 -19.93
CA PRO A 446 11.83 -5.33 -18.48
C PRO A 446 13.03 -4.52 -17.98
N ILE A 447 13.03 -4.20 -16.69
CA ILE A 447 14.14 -3.48 -16.06
C ILE A 447 14.53 -4.28 -14.82
N ALA A 448 15.65 -3.92 -14.21
CA ALA A 448 16.10 -4.65 -13.03
C ALA A 448 15.50 -4.12 -11.73
N SER A 449 15.60 -4.95 -10.70
CA SER A 449 15.12 -4.62 -9.37
C SER A 449 16.27 -3.91 -8.65
N GLY A 450 16.06 -2.65 -8.29
CA GLY A 450 17.09 -1.90 -7.61
C GLY A 450 16.81 -0.41 -7.70
N THR A 451 17.66 0.38 -7.05
CA THR A 451 17.53 1.83 -7.05
C THR A 451 18.07 2.39 -8.37
N GLY A 452 17.64 3.58 -8.72
CA GLY A 452 18.08 4.21 -9.95
C GLY A 452 19.27 5.11 -9.69
N THR A 453 19.74 5.76 -10.75
CA THR A 453 20.88 6.67 -10.64
C THR A 453 20.44 8.13 -10.54
N SER A 454 19.13 8.37 -10.54
CA SER A 454 18.62 9.74 -10.47
C SER A 454 18.03 10.07 -9.10
N SER A 455 18.40 11.24 -8.57
CA SER A 455 17.94 11.69 -7.27
C SER A 455 16.66 12.53 -7.35
N TRP A 456 16.40 13.14 -8.51
CA TRP A 456 15.22 13.98 -8.66
C TRP A 456 13.94 13.16 -8.79
N THR A 457 13.36 12.82 -7.64
CA THR A 457 12.11 12.10 -7.58
C THR A 457 11.41 12.63 -6.34
N GLY A 458 10.16 13.02 -6.51
CA GLY A 458 9.42 13.56 -5.39
C GLY A 458 8.46 14.62 -5.87
N GLY A 459 8.20 15.62 -5.03
CA GLY A 459 7.29 16.67 -5.44
C GLY A 459 6.96 17.70 -4.39
N VAL A 460 5.97 18.53 -4.69
CA VAL A 460 5.56 19.57 -3.79
C VAL A 460 4.09 19.47 -3.44
N SER A 461 3.77 19.86 -2.21
CA SER A 461 2.41 19.84 -1.72
C SER A 461 2.01 21.27 -1.41
N LEU A 462 0.84 21.70 -1.88
CA LEU A 462 0.38 23.04 -1.59
C LEU A 462 -0.67 22.97 -0.49
N ALA A 463 -0.22 23.13 0.76
CA ALA A 463 -1.10 23.09 1.92
C ALA A 463 -1.94 21.81 1.96
N GLY A 464 -1.37 20.72 1.47
CA GLY A 464 -2.07 19.44 1.47
C GLY A 464 -3.37 19.40 0.69
N GLN A 465 -3.56 20.34 -0.24
CA GLN A 465 -4.78 20.40 -1.05
C GLN A 465 -4.51 20.02 -2.50
N TYR A 466 -3.47 20.63 -3.07
CA TYR A 466 -3.06 20.35 -4.44
C TYR A 466 -1.58 20.03 -4.44
N GLY A 467 -1.05 19.58 -5.56
CA GLY A 467 0.36 19.28 -5.61
C GLY A 467 0.84 18.85 -6.98
N ALA A 468 2.15 18.60 -7.06
CA ALA A 468 2.77 18.16 -8.29
C ALA A 468 3.96 17.26 -7.94
N SER A 469 4.15 16.21 -8.73
CA SER A 469 5.26 15.29 -8.53
C SER A 469 6.03 15.17 -9.83
N GLY A 470 7.23 14.60 -9.75
CA GLY A 470 8.05 14.43 -10.93
C GLY A 470 9.07 13.34 -10.68
N MET A 471 9.51 12.69 -11.75
CA MET A 471 10.51 11.64 -11.65
C MET A 471 11.46 11.74 -12.83
N ASP A 472 12.73 11.93 -12.54
CA ASP A 472 13.76 12.01 -13.56
C ASP A 472 14.06 10.56 -13.95
N LEU A 473 13.64 10.17 -15.15
CA LEU A 473 13.82 8.80 -15.62
C LEU A 473 15.10 8.49 -16.37
N SER A 474 15.73 7.37 -16.01
CA SER A 474 16.94 6.89 -16.66
C SER A 474 17.16 5.45 -16.22
N TYR A 475 16.64 4.52 -17.00
CA TYR A 475 16.76 3.09 -16.69
C TYR A 475 18.18 2.56 -16.81
N GLY A 476 18.50 1.56 -15.99
CA GLY A 476 19.83 0.97 -16.03
C GLY A 476 19.94 -0.22 -16.94
N ALA A 477 18.85 -0.94 -17.15
CA ALA A 477 18.85 -2.14 -17.99
C ALA A 477 19.05 -1.84 -19.48
N TYR A 478 18.59 -0.67 -19.90
CA TYR A 478 18.74 -0.26 -21.30
C TYR A 478 18.69 1.25 -21.32
N ASN A 479 19.04 1.84 -22.47
CA ASN A 479 19.04 3.27 -22.60
C ASN A 479 17.68 3.90 -22.88
N LEU A 480 17.26 4.76 -21.97
CA LEU A 480 16.02 5.50 -22.05
C LEU A 480 16.00 6.51 -20.90
N SER A 481 15.78 7.78 -21.24
CA SER A 481 15.71 8.81 -20.22
C SER A 481 14.58 9.76 -20.56
N ALA A 482 14.07 10.46 -19.56
CA ALA A 482 12.98 11.40 -19.77
C ALA A 482 12.63 12.15 -18.49
N ARG A 483 11.90 13.24 -18.65
CA ARG A 483 11.43 14.03 -17.52
C ARG A 483 9.93 13.72 -17.47
N LYS A 484 9.45 13.23 -16.34
CA LYS A 484 8.04 12.91 -16.19
C LYS A 484 7.47 13.69 -15.00
N SER A 485 6.36 14.38 -15.23
CA SER A 485 5.71 15.18 -14.20
C SER A 485 4.20 14.91 -14.14
N TRP A 486 3.63 15.14 -12.96
CA TRP A 486 2.21 14.97 -12.74
C TRP A 486 1.73 16.17 -11.91
N PHE A 487 0.62 16.77 -12.35
CA PHE A 487 0.04 17.92 -11.68
C PHE A 487 -1.36 17.56 -11.21
N MET A 488 -1.53 17.55 -9.89
CA MET A 488 -2.78 17.18 -9.24
C MET A 488 -3.66 18.35 -8.83
N PHE A 489 -4.81 18.46 -9.48
CA PHE A 489 -5.76 19.51 -9.18
C PHE A 489 -7.01 18.92 -8.56
N ASP A 490 -8.16 19.57 -8.71
CA ASP A 490 -9.38 19.04 -8.11
C ASP A 490 -9.93 17.77 -8.74
N ASP A 491 -10.07 17.77 -10.06
CA ASP A 491 -10.57 16.60 -10.75
C ASP A 491 -9.89 16.48 -12.11
N GLU A 492 -8.63 16.90 -12.14
CA GLU A 492 -7.79 16.84 -13.33
C GLU A 492 -6.39 16.47 -12.87
N ILE A 493 -5.80 15.48 -13.52
CA ILE A 493 -4.43 15.09 -13.22
C ILE A 493 -3.72 15.19 -14.56
N VAL A 494 -2.82 16.15 -14.69
CA VAL A 494 -2.09 16.36 -15.93
C VAL A 494 -0.73 15.67 -15.90
N ALA A 495 -0.48 14.84 -16.91
CA ALA A 495 0.79 14.14 -17.01
C ALA A 495 1.59 14.72 -18.17
N LEU A 496 2.82 15.13 -17.89
CA LEU A 496 3.71 15.69 -18.90
C LEU A 496 5.01 14.91 -19.02
N GLY A 497 5.47 14.75 -20.25
CA GLY A 497 6.71 14.03 -20.49
C GLY A 497 7.54 14.81 -21.49
N SER A 498 8.84 14.94 -21.24
CA SER A 498 9.72 15.66 -22.15
C SER A 498 11.13 15.06 -22.16
N GLY A 499 11.94 15.51 -23.11
CA GLY A 499 13.30 15.03 -23.22
C GLY A 499 13.40 13.52 -23.33
N ILE A 500 12.33 12.88 -23.83
CA ILE A 500 12.33 11.43 -23.98
C ILE A 500 13.33 11.06 -25.06
N SER A 501 14.44 10.47 -24.64
CA SER A 501 15.50 10.08 -25.56
C SER A 501 16.01 8.66 -25.32
N SER A 502 16.47 8.01 -26.38
CA SER A 502 16.96 6.63 -26.27
C SER A 502 17.87 6.23 -27.43
N THR A 503 18.80 5.31 -27.15
CA THR A 503 19.71 4.79 -28.18
C THR A 503 19.62 3.27 -28.10
N ALA A 504 18.58 2.79 -27.41
CA ALA A 504 18.35 1.36 -27.21
C ALA A 504 18.00 0.56 -28.44
N GLY A 505 17.47 1.21 -29.46
CA GLY A 505 17.08 0.48 -30.66
C GLY A 505 15.79 -0.29 -30.45
N ILE A 506 15.00 0.17 -29.47
CA ILE A 506 13.72 -0.45 -29.15
C ILE A 506 12.62 0.60 -29.15
N PRO A 507 11.46 0.29 -29.76
CA PRO A 507 10.37 1.27 -29.79
C PRO A 507 10.04 1.72 -28.37
N ILE A 508 9.91 3.04 -28.21
CA ILE A 508 9.60 3.61 -26.89
C ILE A 508 8.13 3.99 -26.82
N GLU A 509 7.50 3.72 -25.68
CA GLU A 509 6.10 4.06 -25.53
C GLU A 509 5.73 4.58 -24.13
N THR A 510 4.67 5.37 -24.08
CA THR A 510 4.18 5.90 -22.81
C THR A 510 2.74 5.44 -22.70
N VAL A 511 2.44 4.71 -21.63
CA VAL A 511 1.12 4.17 -21.39
C VAL A 511 0.17 5.19 -20.76
N VAL A 512 -0.83 5.60 -21.52
CA VAL A 512 -1.80 6.57 -21.01
C VAL A 512 -2.67 5.86 -19.97
N ASP A 513 -3.09 4.63 -20.30
CA ASP A 513 -3.88 3.86 -19.35
C ASP A 513 -4.02 2.41 -19.79
N ASN A 514 -4.46 1.57 -18.87
CA ASN A 514 -4.63 0.14 -19.12
C ASN A 514 -5.62 -0.29 -18.05
N ARG A 515 -6.90 -0.32 -18.41
CA ARG A 515 -7.96 -0.66 -17.45
C ARG A 515 -8.66 -1.99 -17.69
N LYS A 516 -8.96 -2.68 -16.59
CA LYS A 516 -9.68 -3.94 -16.67
C LYS A 516 -11.13 -3.56 -16.96
N LEU A 517 -11.71 -4.19 -17.97
CA LEU A 517 -13.09 -3.91 -18.39
C LEU A 517 -14.08 -4.89 -17.79
N ASN A 518 -15.37 -4.74 -18.15
CA ASN A 518 -16.39 -5.65 -17.62
C ASN A 518 -16.21 -7.04 -18.21
N GLY A 519 -16.98 -7.99 -17.69
CA GLY A 519 -16.89 -9.38 -18.15
C GLY A 519 -17.10 -9.61 -19.63
N ALA A 520 -17.88 -8.75 -20.27
CA ALA A 520 -18.13 -8.90 -21.69
C ALA A 520 -17.13 -8.07 -22.48
N GLY A 521 -16.39 -7.23 -21.75
CA GLY A 521 -15.42 -6.36 -22.37
C GLY A 521 -16.07 -5.43 -23.38
N ASP A 522 -17.35 -5.12 -23.19
CA ASP A 522 -18.04 -4.25 -24.13
C ASP A 522 -18.26 -2.81 -23.65
N ASN A 523 -17.43 -2.38 -22.71
CA ASN A 523 -17.51 -1.01 -22.19
C ASN A 523 -17.54 -0.06 -23.37
N ALA A 524 -18.50 0.86 -23.36
CA ALA A 524 -18.61 1.85 -24.43
C ALA A 524 -17.48 2.86 -24.28
N TRP A 525 -16.96 3.35 -25.40
CA TRP A 525 -15.92 4.37 -25.36
C TRP A 525 -16.03 5.24 -26.58
N THR A 526 -15.60 6.48 -26.43
CA THR A 526 -15.72 7.47 -27.49
C THR A 526 -14.46 8.29 -27.69
N ALA A 527 -14.25 8.75 -28.92
CA ALA A 527 -13.09 9.58 -29.27
C ALA A 527 -13.57 10.74 -30.15
N ASN A 528 -13.31 11.97 -29.72
CA ASN A 528 -13.69 13.16 -30.47
C ASN A 528 -15.19 13.17 -30.76
N GLY A 529 -15.98 12.59 -29.86
CA GLY A 529 -17.42 12.56 -30.04
C GLY A 529 -17.95 11.40 -30.86
N ALA A 530 -17.05 10.58 -31.40
CA ALA A 530 -17.48 9.43 -32.21
C ALA A 530 -17.35 8.12 -31.43
N ALA A 531 -18.40 7.31 -31.45
CA ALA A 531 -18.39 6.04 -30.75
C ALA A 531 -17.38 5.11 -31.39
N LEU A 532 -16.66 4.36 -30.57
CA LEU A 532 -15.64 3.42 -31.05
C LEU A 532 -16.15 2.00 -30.84
N SER A 533 -15.71 1.07 -31.69
CA SER A 533 -16.14 -0.32 -31.59
C SER A 533 -15.76 -0.91 -30.23
N THR A 534 -16.62 -1.79 -29.72
CA THR A 534 -16.44 -2.41 -28.40
C THR A 534 -16.02 -3.86 -28.39
N GLY A 535 -15.80 -4.44 -29.56
CA GLY A 535 -15.41 -5.85 -29.61
C GLY A 535 -14.04 -6.18 -29.05
N LEU A 536 -13.92 -7.38 -28.47
CA LEU A 536 -12.65 -7.85 -27.92
C LEU A 536 -11.75 -8.37 -29.03
N GLY A 537 -10.44 -8.30 -28.82
CA GLY A 537 -9.50 -8.78 -29.82
C GLY A 537 -9.24 -7.77 -30.93
N VAL A 538 -9.71 -6.54 -30.73
CA VAL A 538 -9.52 -5.51 -31.74
C VAL A 538 -8.47 -4.46 -31.37
N ALA A 539 -7.52 -4.27 -32.27
CA ALA A 539 -6.47 -3.29 -32.10
C ALA A 539 -6.80 -2.15 -33.06
N GLN A 540 -6.53 -0.92 -32.66
CA GLN A 540 -6.82 0.19 -33.57
C GLN A 540 -6.13 1.47 -33.15
N THR A 541 -5.59 2.17 -34.15
CA THR A 541 -4.89 3.41 -33.92
C THR A 541 -5.88 4.56 -34.03
N LEU A 542 -5.76 5.54 -33.14
CA LEU A 542 -6.63 6.70 -33.16
C LEU A 542 -5.72 7.90 -33.46
N THR A 543 -5.89 8.50 -34.63
CA THR A 543 -5.06 9.63 -35.02
C THR A 543 -5.80 10.95 -34.85
N GLY A 544 -5.06 11.99 -34.50
CA GLY A 544 -5.65 13.30 -34.30
C GLY A 544 -6.68 13.32 -33.18
N VAL A 545 -6.42 12.58 -32.12
CA VAL A 545 -7.34 12.50 -30.99
C VAL A 545 -7.26 13.73 -30.08
N ASN A 546 -8.42 14.32 -29.80
CA ASN A 546 -8.48 15.48 -28.92
C ASN A 546 -8.89 14.99 -27.53
N TRP A 547 -9.78 13.99 -27.51
CA TRP A 547 -10.23 13.42 -26.26
C TRP A 547 -10.82 12.02 -26.43
N VAL A 548 -10.79 11.27 -25.33
CA VAL A 548 -11.33 9.91 -25.30
C VAL A 548 -12.12 9.75 -24.01
N HIS A 549 -13.24 9.04 -24.10
CA HIS A 549 -14.07 8.77 -22.94
C HIS A 549 -14.29 7.27 -22.87
N LEU A 550 -14.08 6.71 -21.69
CA LEU A 550 -14.26 5.27 -21.47
C LEU A 550 -15.26 5.03 -20.35
N ALA A 551 -16.38 4.41 -20.68
CA ALA A 551 -17.41 4.11 -19.69
C ALA A 551 -16.89 3.10 -18.69
N GLY A 552 -17.18 3.33 -17.40
CA GLY A 552 -16.71 2.43 -16.37
C GLY A 552 -17.52 1.18 -16.17
N ASN A 553 -17.07 0.31 -15.27
CA ASN A 553 -17.77 -0.94 -15.00
C ASN A 553 -19.01 -0.77 -14.12
N THR A 554 -19.24 0.45 -13.66
CA THR A 554 -20.42 0.73 -12.84
C THR A 554 -21.22 1.77 -13.60
N ALA A 555 -22.53 1.79 -13.40
CA ALA A 555 -23.39 2.74 -14.09
C ALA A 555 -22.93 4.18 -13.84
N ASP A 556 -22.56 4.49 -12.60
CA ASP A 556 -22.07 5.83 -12.25
C ASP A 556 -20.79 5.75 -11.42
N GLY A 557 -19.96 6.78 -11.50
CA GLY A 557 -18.77 6.83 -10.70
C GLY A 557 -17.48 6.15 -11.14
N SER A 558 -17.44 5.56 -12.33
CA SER A 558 -16.21 4.92 -12.75
C SER A 558 -15.76 5.25 -14.18
N ASP A 559 -16.40 6.23 -14.81
CA ASP A 559 -16.02 6.63 -16.15
C ASP A 559 -14.69 7.39 -16.07
N ILE A 560 -13.94 7.38 -17.16
CA ILE A 560 -12.66 8.08 -17.22
C ILE A 560 -12.52 8.83 -18.55
N GLY A 561 -12.15 10.09 -18.46
CA GLY A 561 -11.96 10.89 -19.65
C GLY A 561 -10.49 11.21 -19.82
N TYR A 562 -10.07 11.36 -21.06
CA TYR A 562 -8.68 11.68 -21.34
C TYR A 562 -8.62 12.80 -22.35
N TYR A 563 -7.95 13.90 -21.98
CA TYR A 563 -7.83 15.03 -22.88
C TYR A 563 -6.38 15.18 -23.35
N PHE A 564 -6.20 15.45 -24.64
CA PHE A 564 -4.86 15.60 -25.20
C PHE A 564 -4.62 16.98 -25.81
N PRO A 565 -3.97 17.88 -25.06
CA PRO A 565 -3.68 19.24 -25.54
C PRO A 565 -2.86 19.17 -26.81
N GLY A 566 -3.35 19.80 -27.87
CA GLY A 566 -2.62 19.77 -29.13
C GLY A 566 -2.92 18.53 -29.96
N GLY A 567 -3.70 17.61 -29.40
CA GLY A 567 -4.03 16.40 -30.12
C GLY A 567 -2.95 15.36 -30.05
N ALA A 568 -3.31 14.10 -30.27
CA ALA A 568 -2.32 13.03 -30.21
C ALA A 568 -2.72 11.84 -31.05
N THR A 569 -1.78 10.91 -31.19
CA THR A 569 -2.05 9.68 -31.92
C THR A 569 -1.92 8.58 -30.87
N LEU A 570 -2.99 7.84 -30.66
CA LEU A 570 -3.00 6.76 -29.68
C LEU A 570 -3.01 5.38 -30.31
N GLN A 571 -2.20 4.49 -29.75
CA GLN A 571 -2.16 3.10 -30.20
C GLN A 571 -3.04 2.44 -29.15
N THR A 572 -4.01 1.65 -29.56
CA THR A 572 -4.88 1.01 -28.58
C THR A 572 -5.25 -0.40 -28.96
N LYS A 573 -5.74 -1.13 -27.98
CA LYS A 573 -6.20 -2.49 -28.18
C LYS A 573 -7.11 -2.89 -27.03
N ARG A 574 -8.14 -3.67 -27.35
CA ARG A 574 -9.07 -4.18 -26.35
C ARG A 574 -8.94 -5.69 -26.50
N GLU A 575 -8.56 -6.35 -25.41
CA GLU A 575 -8.35 -7.78 -25.47
C GLU A 575 -8.60 -8.53 -24.18
N ALA A 576 -8.78 -9.84 -24.31
CA ALA A 576 -9.00 -10.72 -23.19
C ALA A 576 -7.64 -11.37 -22.90
N ARG A 577 -7.16 -11.23 -21.67
CA ARG A 577 -5.86 -11.80 -21.32
C ARG A 577 -6.00 -12.89 -20.29
N THR A 578 -5.35 -14.01 -20.55
CA THR A 578 -5.37 -15.15 -19.64
C THR A 578 -4.06 -15.26 -18.88
N GLY A 579 -4.11 -15.85 -17.70
CA GLY A 579 -2.91 -16.03 -16.90
C GLY A 579 -3.25 -16.76 -15.61
N THR A 580 -2.24 -16.99 -14.77
CA THR A 580 -2.45 -17.66 -13.50
C THR A 580 -1.58 -16.99 -12.45
N TRP A 581 -1.97 -17.10 -11.19
CA TRP A 581 -1.19 -16.49 -10.12
C TRP A 581 0.16 -17.22 -9.96
N LYS A 582 0.23 -18.47 -10.43
CA LYS A 582 1.46 -19.23 -10.34
C LYS A 582 2.55 -18.56 -11.18
N GLN A 583 2.12 -17.87 -12.23
CA GLN A 583 3.04 -17.18 -13.13
C GLN A 583 3.79 -16.02 -12.48
N ILE A 584 3.20 -15.40 -11.47
CA ILE A 584 3.85 -14.27 -10.80
C ILE A 584 4.17 -14.58 -9.34
N ASN A 585 3.88 -15.81 -8.92
CA ASN A 585 4.18 -16.26 -7.56
C ASN A 585 4.35 -17.77 -7.66
N ASN A 586 5.56 -18.19 -7.99
CA ASN A 586 5.85 -19.61 -8.15
C ASN A 586 6.00 -20.36 -6.83
N ALA A 587 4.95 -20.34 -6.02
CA ALA A 587 4.92 -21.06 -4.76
C ALA A 587 3.97 -22.23 -5.03
N PRO A 588 4.32 -23.43 -4.57
CA PRO A 588 3.45 -24.60 -4.79
C PRO A 588 2.00 -24.45 -4.35
N ALA A 589 1.75 -23.70 -3.28
CA ALA A 589 0.40 -23.49 -2.77
C ALA A 589 -0.36 -22.42 -3.57
N THR A 590 0.31 -21.85 -4.58
CA THR A 590 -0.30 -20.82 -5.40
C THR A 590 -1.24 -21.43 -6.42
N PRO A 591 -2.50 -21.00 -6.44
CA PRO A 591 -3.49 -21.53 -7.39
C PRO A 591 -2.98 -21.44 -8.83
N SER A 592 -3.09 -22.55 -9.54
CA SER A 592 -2.63 -22.62 -10.93
C SER A 592 -3.80 -22.46 -11.90
N THR A 593 -4.97 -22.19 -11.34
CA THR A 593 -6.19 -22.00 -12.12
C THR A 593 -6.01 -20.86 -13.12
N ALA A 594 -6.46 -21.08 -14.35
CA ALA A 594 -6.35 -20.05 -15.37
C ALA A 594 -7.49 -19.05 -15.24
N VAL A 595 -7.20 -17.77 -15.42
CA VAL A 595 -8.23 -16.73 -15.35
C VAL A 595 -8.10 -15.79 -16.53
N THR A 596 -9.24 -15.31 -17.01
CA THR A 596 -9.26 -14.41 -18.15
C THR A 596 -9.93 -13.10 -17.77
N ARG A 597 -9.27 -11.98 -18.08
CA ARG A 597 -9.83 -10.67 -17.80
C ARG A 597 -9.67 -9.82 -19.05
N ASN A 598 -10.54 -8.82 -19.19
CA ASN A 598 -10.50 -7.97 -20.36
C ASN A 598 -9.89 -6.61 -20.03
N TYR A 599 -9.20 -6.03 -21.02
CA TYR A 599 -8.53 -4.75 -20.84
C TYR A 599 -8.62 -3.83 -22.04
N GLU A 600 -8.65 -2.53 -21.76
CA GLU A 600 -8.60 -1.52 -22.81
C GLU A 600 -7.24 -0.93 -22.50
N THR A 601 -6.34 -0.94 -23.48
CA THR A 601 -4.99 -0.44 -23.28
C THR A 601 -4.66 0.66 -24.29
N MET A 602 -4.13 1.77 -23.80
CA MET A 602 -3.79 2.88 -24.65
C MET A 602 -2.40 3.43 -24.36
N TRP A 603 -1.64 3.69 -25.42
CA TRP A 603 -0.30 4.21 -25.25
C TRP A 603 0.11 5.07 -26.44
N ILE A 604 1.14 5.89 -26.23
CA ILE A 604 1.66 6.75 -27.28
C ILE A 604 2.97 6.16 -27.77
N ASP A 605 3.11 5.99 -29.08
CA ASP A 605 4.33 5.43 -29.63
C ASP A 605 5.32 6.56 -29.93
N HIS A 606 6.48 6.54 -29.29
CA HIS A 606 7.49 7.57 -29.49
C HIS A 606 8.49 7.16 -30.56
N GLY A 607 8.36 5.94 -31.05
CA GLY A 607 9.27 5.44 -32.07
C GLY A 607 10.53 4.85 -31.45
N THR A 608 11.38 4.28 -32.29
CA THR A 608 12.64 3.69 -31.86
C THR A 608 13.69 4.81 -31.86
N ASN A 609 14.48 4.88 -30.80
CA ASN A 609 15.53 5.90 -30.68
C ASN A 609 15.03 7.34 -30.75
N PRO A 610 14.03 7.68 -29.93
CA PRO A 610 13.55 9.06 -30.00
C PRO A 610 14.61 10.01 -29.44
N SER A 611 14.44 11.30 -29.72
CA SER A 611 15.36 12.31 -29.23
C SER A 611 14.53 13.53 -28.87
N GLY A 612 14.42 13.82 -27.58
CA GLY A 612 13.64 14.97 -27.15
C GLY A 612 12.15 14.81 -27.37
N ALA A 613 11.68 13.56 -27.39
CA ALA A 613 10.26 13.29 -27.57
C ALA A 613 9.51 13.78 -26.33
N SER A 614 8.20 13.95 -26.46
CA SER A 614 7.39 14.43 -25.34
C SER A 614 5.93 13.99 -25.46
N TYR A 615 5.16 14.23 -24.39
CA TYR A 615 3.74 13.89 -24.36
C TYR A 615 3.03 14.71 -23.29
N GLY A 616 1.73 14.82 -23.41
CA GLY A 616 0.95 15.56 -22.43
C GLY A 616 -0.51 15.16 -22.45
N TYR A 617 -1.01 14.60 -21.36
CA TYR A 617 -2.43 14.24 -21.32
C TYR A 617 -3.06 14.59 -19.98
N VAL A 618 -4.38 14.68 -19.97
CA VAL A 618 -5.11 15.01 -18.76
C VAL A 618 -6.11 13.91 -18.40
N LEU A 619 -5.96 13.37 -17.20
CA LEU A 619 -6.88 12.33 -16.73
C LEU A 619 -8.06 13.07 -16.14
N LEU A 620 -9.27 12.70 -16.57
CA LEU A 620 -10.49 13.35 -16.09
C LEU A 620 -11.43 12.33 -15.46
N PRO A 621 -11.28 12.07 -14.16
CA PRO A 621 -12.12 11.10 -13.48
C PRO A 621 -13.60 11.48 -13.42
N ASN A 622 -14.44 10.45 -13.49
CA ASN A 622 -15.89 10.56 -13.40
C ASN A 622 -16.64 11.57 -14.27
N LYS A 623 -16.20 11.75 -15.51
CA LYS A 623 -16.89 12.65 -16.43
C LYS A 623 -17.60 11.80 -17.48
N THR A 624 -18.81 12.18 -17.87
CA THR A 624 -19.54 11.46 -18.91
C THR A 624 -18.94 11.82 -20.25
N SER A 625 -19.35 11.12 -21.30
CA SER A 625 -18.84 11.40 -22.64
C SER A 625 -19.13 12.84 -23.02
N ALA A 626 -20.32 13.30 -22.68
CA ALA A 626 -20.72 14.66 -22.98
C ALA A 626 -19.88 15.69 -22.23
N GLN A 627 -19.56 15.38 -20.97
CA GLN A 627 -18.76 16.28 -20.15
C GLN A 627 -17.29 16.37 -20.60
N VAL A 628 -16.78 15.29 -21.18
CA VAL A 628 -15.41 15.29 -21.68
C VAL A 628 -15.34 16.18 -22.92
N GLY A 629 -16.38 16.11 -23.75
CA GLY A 629 -16.41 16.94 -24.94
C GLY A 629 -16.50 18.38 -24.52
N ALA A 630 -17.30 18.65 -23.48
CA ALA A 630 -17.45 20.00 -22.97
C ALA A 630 -16.12 20.53 -22.47
N TYR A 631 -15.37 19.67 -21.78
CA TYR A 631 -14.06 20.05 -21.26
C TYR A 631 -13.13 20.42 -22.41
N ALA A 632 -13.13 19.58 -23.45
CA ALA A 632 -12.29 19.81 -24.63
C ALA A 632 -12.65 21.13 -25.31
N ALA A 633 -13.89 21.59 -25.09
CA ALA A 633 -14.34 22.83 -25.69
C ALA A 633 -13.74 24.06 -25.00
N ASP A 634 -13.25 23.86 -23.77
CA ASP A 634 -12.65 24.94 -23.01
C ASP A 634 -11.89 24.35 -21.83
N PRO A 635 -10.82 23.59 -22.11
CA PRO A 635 -9.99 22.95 -21.09
C PRO A 635 -9.54 23.90 -19.98
N ALA A 636 -9.67 23.43 -18.73
CA ALA A 636 -9.31 24.23 -17.56
C ALA A 636 -7.82 24.27 -17.24
N ILE A 637 -7.02 23.43 -17.89
CA ILE A 637 -5.58 23.48 -17.64
C ILE A 637 -4.89 23.97 -18.89
N GLU A 638 -3.71 24.56 -18.70
CA GLU A 638 -2.92 25.09 -19.79
C GLU A 638 -1.47 24.71 -19.57
N ILE A 639 -0.85 24.10 -20.58
CA ILE A 639 0.54 23.72 -20.47
C ILE A 639 1.40 24.98 -20.62
N VAL A 640 2.11 25.34 -19.56
CA VAL A 640 2.98 26.51 -19.58
C VAL A 640 4.29 26.16 -20.26
N VAL A 641 4.82 24.98 -19.94
CA VAL A 641 6.07 24.53 -20.50
C VAL A 641 6.23 23.03 -20.39
N ASN A 642 6.92 22.45 -21.36
CA ASN A 642 7.18 21.03 -21.34
C ASN A 642 8.48 20.73 -22.08
N THR A 643 9.59 21.21 -21.50
CA THR A 643 10.91 21.01 -22.06
C THR A 643 11.70 20.15 -21.07
N SER A 644 12.92 19.79 -21.42
CA SER A 644 13.72 18.97 -20.52
C SER A 644 14.20 19.80 -19.35
N GLY A 645 14.10 21.12 -19.47
CA GLY A 645 14.53 22.00 -18.40
C GLY A 645 13.43 22.32 -17.40
N VAL A 646 12.20 22.45 -17.88
CA VAL A 646 11.08 22.77 -16.99
C VAL A 646 9.74 22.32 -17.56
N GLN A 647 8.90 21.76 -16.68
CA GLN A 647 7.57 21.31 -17.04
C GLN A 647 6.61 22.05 -16.11
N SER A 648 5.68 22.79 -16.69
CA SER A 648 4.73 23.57 -15.91
C SER A 648 3.31 23.54 -16.46
N VAL A 649 2.33 23.55 -15.56
CA VAL A 649 0.92 23.53 -15.93
C VAL A 649 0.17 24.57 -15.11
N LYS A 650 -0.78 25.26 -15.76
CA LYS A 650 -1.59 26.27 -15.09
C LYS A 650 -3.07 25.87 -15.09
N GLU A 651 -3.74 26.09 -13.97
CA GLU A 651 -5.17 25.80 -13.86
C GLU A 651 -5.81 27.15 -13.56
N LYS A 652 -6.21 27.84 -14.62
CA LYS A 652 -6.81 29.17 -14.55
C LYS A 652 -7.91 29.35 -13.51
N THR A 653 -8.92 28.48 -13.55
CA THR A 653 -10.05 28.55 -12.62
C THR A 653 -9.64 28.62 -11.15
N LEU A 654 -8.68 27.77 -10.77
CA LEU A 654 -8.22 27.71 -9.39
C LEU A 654 -7.04 28.64 -9.11
N GLY A 655 -6.52 29.29 -10.16
CA GLY A 655 -5.39 30.19 -10.00
C GLY A 655 -4.11 29.46 -9.64
N LEU A 656 -4.03 28.19 -10.03
CA LEU A 656 -2.87 27.37 -9.72
C LEU A 656 -1.83 27.27 -10.83
N VAL A 657 -0.56 27.28 -10.42
CA VAL A 657 0.55 27.13 -11.35
C VAL A 657 1.57 26.19 -10.74
N GLY A 658 1.79 25.06 -11.39
CA GLY A 658 2.76 24.10 -10.90
C GLY A 658 3.95 24.08 -11.85
N ALA A 659 5.13 23.85 -11.30
CA ALA A 659 6.33 23.81 -12.14
C ALA A 659 7.44 23.00 -11.50
N ASN A 660 7.96 22.05 -12.28
CA ASN A 660 9.06 21.20 -11.86
C ASN A 660 10.30 21.66 -12.63
N PHE A 661 11.31 22.12 -11.90
CA PHE A 661 12.55 22.56 -12.52
C PHE A 661 13.57 21.42 -12.41
N TRP A 662 14.01 20.94 -13.57
CA TRP A 662 14.94 19.81 -13.65
C TRP A 662 16.43 20.05 -13.58
N THR A 663 16.88 21.28 -13.80
CA THR A 663 18.32 21.58 -13.75
C THR A 663 18.68 22.62 -12.71
N ASP A 664 19.97 22.74 -12.43
CA ASP A 664 20.42 23.72 -11.47
C ASP A 664 20.84 25.01 -12.18
N THR A 665 19.97 25.47 -13.08
CA THR A 665 20.21 26.72 -13.81
C THR A 665 18.94 27.54 -13.65
N THR A 666 19.09 28.87 -13.64
CA THR A 666 17.95 29.76 -13.51
C THR A 666 16.98 29.61 -14.69
N GLN A 667 15.71 29.31 -14.38
CA GLN A 667 14.68 29.15 -15.39
C GLN A 667 13.39 29.79 -14.92
N THR A 668 12.52 30.12 -15.87
CA THR A 668 11.24 30.72 -15.52
C THR A 668 10.08 29.99 -16.19
N ALA A 669 9.00 29.82 -15.44
CA ALA A 669 7.78 29.18 -15.93
C ALA A 669 6.65 30.10 -15.47
N ASP A 670 6.06 30.82 -16.42
CA ASP A 670 4.98 31.76 -16.09
C ASP A 670 5.52 32.75 -15.05
N LEU A 671 4.86 32.88 -13.89
CA LEU A 671 5.31 33.82 -12.88
C LEU A 671 6.46 33.30 -11.99
N ILE A 672 6.76 32.01 -12.10
CA ILE A 672 7.80 31.39 -11.28
C ILE A 672 9.20 31.29 -11.87
N THR A 673 10.20 31.75 -11.11
CA THR A 673 11.59 31.66 -11.52
C THR A 673 12.31 30.90 -10.41
N SER A 674 13.18 29.97 -10.78
CA SER A 674 13.93 29.17 -9.81
C SER A 674 15.36 29.04 -10.29
N ASN A 675 16.32 29.05 -9.37
CA ASN A 675 17.71 28.91 -9.77
C ASN A 675 18.21 27.49 -9.63
N LYS A 676 17.37 26.59 -9.12
CA LYS A 676 17.80 25.21 -8.93
C LYS A 676 16.70 24.19 -9.09
N LYS A 677 17.09 22.92 -9.07
CA LYS A 677 16.15 21.83 -9.18
C LYS A 677 15.13 22.04 -8.08
N ALA A 678 13.86 21.96 -8.43
CA ALA A 678 12.82 22.19 -7.44
C ALA A 678 11.45 21.82 -7.99
N SER A 679 10.50 21.67 -7.08
CA SER A 679 9.12 21.39 -7.44
C SER A 679 8.39 22.56 -6.79
N VAL A 680 7.63 23.30 -7.57
CA VAL A 680 6.93 24.47 -7.05
C VAL A 680 5.48 24.60 -7.47
N MET A 681 4.66 25.15 -6.58
CA MET A 681 3.26 25.39 -6.89
C MET A 681 2.78 26.66 -6.20
N THR A 682 2.14 27.50 -6.99
CA THR A 682 1.60 28.76 -6.50
C THR A 682 0.11 28.82 -6.73
N ARG A 683 -0.59 29.55 -5.87
CA ARG A 683 -2.02 29.73 -6.03
C ARG A 683 -2.28 31.21 -5.88
N GLU A 684 -2.88 31.80 -6.92
CA GLU A 684 -3.17 33.21 -6.91
C GLU A 684 -4.65 33.56 -6.83
N ILE A 685 -4.97 34.40 -5.86
CA ILE A 685 -6.33 34.87 -5.68
C ILE A 685 -6.21 36.33 -6.09
N ALA A 686 -6.69 36.63 -7.30
CA ALA A 686 -6.63 37.96 -7.88
C ALA A 686 -6.70 39.13 -6.90
N ASP A 687 -5.64 39.94 -6.90
CA ASP A 687 -5.55 41.11 -6.05
C ASP A 687 -5.75 40.84 -4.57
N GLU A 688 -5.57 39.59 -4.14
CA GLU A 688 -5.75 39.26 -2.74
C GLU A 688 -4.51 38.63 -2.13
N ARG A 689 -4.11 37.48 -2.63
CA ARG A 689 -2.94 36.80 -2.10
C ARG A 689 -2.30 35.85 -3.10
N LEU A 690 -1.04 35.51 -2.84
CA LEU A 690 -0.31 34.60 -3.67
C LEU A 690 0.36 33.61 -2.73
N GLU A 691 -0.06 32.35 -2.80
CA GLU A 691 0.51 31.31 -1.96
C GLU A 691 1.58 30.60 -2.76
N ALA A 692 2.55 30.01 -2.06
CA ALA A 692 3.63 29.32 -2.74
C ALA A 692 4.23 28.22 -1.87
N SER A 693 4.53 27.09 -2.50
CA SER A 693 5.14 25.95 -1.81
C SER A 693 6.32 25.48 -2.63
N VAL A 694 7.42 25.18 -1.96
CA VAL A 694 8.62 24.75 -2.65
C VAL A 694 9.31 23.58 -1.96
N SER A 695 9.82 22.63 -2.73
CA SER A 695 10.55 21.51 -2.16
C SER A 695 11.77 21.19 -3.01
N ASP A 696 12.73 20.51 -2.41
CA ASP A 696 13.93 20.06 -3.10
C ASP A 696 13.72 18.56 -3.18
N PRO A 697 13.16 18.06 -4.30
CA PRO A 697 12.90 16.63 -4.46
C PRO A 697 14.16 15.74 -4.42
N THR A 698 15.31 16.31 -4.71
CA THR A 698 16.56 15.53 -4.71
C THR A 698 16.98 15.15 -3.31
N GLN A 699 16.52 15.90 -2.31
CA GLN A 699 16.87 15.65 -0.91
C GLN A 699 18.40 15.69 -0.78
N ALA A 700 19.06 16.34 -1.75
CA ALA A 700 20.51 16.44 -1.77
C ALA A 700 21.08 17.86 -1.81
N ASN A 701 20.21 18.86 -1.93
CA ASN A 701 20.68 20.26 -1.94
C ASN A 701 20.95 20.64 -0.48
N ASN A 702 22.20 20.92 -0.15
CA ASN A 702 22.52 21.29 1.24
C ASN A 702 22.57 22.81 1.43
N GLY A 703 22.03 23.53 0.46
CA GLY A 703 22.00 24.98 0.53
C GLY A 703 20.57 25.47 0.42
N THR A 704 20.31 26.30 -0.59
CA THR A 704 18.97 26.85 -0.79
C THR A 704 18.48 26.82 -2.23
N ILE A 705 17.22 27.18 -2.39
CA ILE A 705 16.59 27.29 -3.69
C ILE A 705 16.15 28.75 -3.73
N ALA A 706 16.61 29.49 -4.73
CA ALA A 706 16.26 30.89 -4.87
C ALA A 706 15.03 31.03 -5.77
N ILE A 707 13.95 31.52 -5.21
CA ILE A 707 12.71 31.69 -5.96
C ILE A 707 12.35 33.16 -6.12
N GLU A 708 11.75 33.48 -7.26
CA GLU A 708 11.29 34.83 -7.57
C GLU A 708 9.91 34.69 -8.19
N LEU A 709 8.95 35.50 -7.73
CA LEU A 709 7.59 35.43 -8.26
C LEU A 709 7.20 36.78 -8.87
N ALA A 710 6.71 36.74 -10.11
CA ALA A 710 6.33 37.95 -10.84
C ALA A 710 5.06 38.65 -10.37
N ARG A 711 5.04 39.03 -9.11
CA ARG A 711 3.91 39.76 -8.53
C ARG A 711 4.47 40.66 -7.45
N SER A 712 3.79 41.77 -7.19
CA SER A 712 4.24 42.68 -6.15
C SER A 712 3.39 42.43 -4.90
N ALA A 713 4.04 42.21 -3.77
CA ALA A 713 3.34 41.94 -2.53
C ALA A 713 3.42 43.08 -1.51
N GLU A 714 2.48 43.08 -0.58
CA GLU A 714 2.41 44.08 0.48
C GLU A 714 2.99 43.53 1.77
N GLY A 715 2.81 42.23 1.98
CA GLY A 715 3.32 41.59 3.19
C GLY A 715 3.34 40.08 3.02
N TYR A 716 3.77 39.37 4.06
CA TYR A 716 3.83 37.91 3.97
C TYR A 716 4.02 37.25 5.33
N SER A 717 3.99 35.93 5.29
CA SER A 717 4.22 35.06 6.44
C SER A 717 4.78 33.80 5.76
N ALA A 718 5.72 33.12 6.40
CA ALA A 718 6.30 31.93 5.79
C ALA A 718 6.81 30.92 6.80
N ASP A 719 6.86 29.66 6.36
CA ASP A 719 7.37 28.57 7.20
C ASP A 719 8.82 28.86 7.51
N PRO A 720 9.29 28.43 8.68
CA PRO A 720 10.69 28.70 8.98
C PRO A 720 11.49 27.94 7.92
N GLY A 721 12.56 28.56 7.45
CA GLY A 721 13.38 27.92 6.42
C GLY A 721 13.33 28.81 5.19
N ILE A 722 12.31 29.65 5.14
CA ILE A 722 12.14 30.56 4.03
C ILE A 722 12.51 31.97 4.47
N THR A 723 13.36 32.63 3.68
CA THR A 723 13.78 33.99 3.98
C THR A 723 13.38 34.87 2.80
N VAL A 724 12.52 35.85 3.06
CA VAL A 724 12.08 36.76 2.00
C VAL A 724 13.01 37.96 1.98
N THR A 725 13.51 38.30 0.80
CA THR A 725 14.42 39.44 0.65
C THR A 725 13.78 40.59 -0.10
N GLN A 726 12.65 40.34 -0.76
CA GLN A 726 12.01 41.39 -1.51
C GLN A 726 10.54 41.09 -1.76
N LEU A 727 9.72 42.13 -1.68
CA LEU A 727 8.28 41.99 -1.91
C LEU A 727 7.85 42.76 -3.16
N ALA A 728 8.50 43.89 -3.42
CA ALA A 728 8.17 44.70 -4.59
C ALA A 728 9.45 45.15 -5.29
N PRO A 729 9.42 45.27 -6.63
CA PRO A 729 8.28 45.04 -7.53
C PRO A 729 7.94 43.57 -7.76
N THR A 730 8.88 42.68 -7.45
CA THR A 730 8.67 41.25 -7.58
C THR A 730 9.00 40.61 -6.24
N ILE A 731 8.54 39.38 -6.04
CA ILE A 731 8.78 38.64 -4.81
C ILE A 731 10.04 37.79 -4.90
N LYS A 732 10.89 37.89 -3.88
CA LYS A 732 12.13 37.12 -3.85
C LYS A 732 12.36 36.49 -2.48
N PHE A 733 12.76 35.21 -2.49
CA PHE A 733 13.06 34.52 -1.26
C PHE A 733 13.86 33.26 -1.53
N THR A 734 14.52 32.74 -0.50
CA THR A 734 15.29 31.51 -0.63
C THR A 734 14.70 30.49 0.33
N VAL A 735 14.84 29.22 -0.02
CA VAL A 735 14.33 28.15 0.81
C VAL A 735 15.53 27.33 1.27
N ASN A 736 15.71 27.23 2.58
CA ASN A 736 16.82 26.46 3.14
C ASN A 736 16.35 25.02 3.20
N VAL A 737 16.69 24.25 2.17
CA VAL A 737 16.27 22.85 2.08
C VAL A 737 17.26 21.83 2.62
N ASN A 738 18.31 22.29 3.28
CA ASN A 738 19.33 21.39 3.81
C ASN A 738 18.72 20.39 4.80
N GLY A 739 18.83 19.10 4.46
CA GLY A 739 18.28 18.06 5.31
C GLY A 739 16.75 18.09 5.42
N ALA A 740 16.09 18.73 4.46
CA ALA A 740 14.63 18.83 4.48
C ALA A 740 13.91 17.52 4.12
N LYS A 741 14.65 16.59 3.51
CA LYS A 741 14.10 15.28 3.15
C LYS A 741 12.88 15.31 2.23
N GLY A 742 12.87 16.25 1.28
CA GLY A 742 11.79 16.34 0.33
C GLY A 742 10.51 17.03 0.79
N LYS A 743 10.53 17.61 1.98
CA LYS A 743 9.34 18.30 2.50
C LYS A 743 9.09 19.59 1.73
N SER A 744 7.88 20.11 1.83
CA SER A 744 7.51 21.34 1.15
C SER A 744 7.47 22.51 2.13
N PHE A 745 8.00 23.65 1.68
CA PHE A 745 8.00 24.87 2.48
C PHE A 745 6.93 25.77 1.90
N HIS A 746 6.12 26.35 2.77
CA HIS A 746 5.00 27.19 2.35
C HIS A 746 5.12 28.65 2.77
N ALA A 747 4.60 29.53 1.92
CA ALA A 747 4.60 30.96 2.17
C ALA A 747 3.33 31.56 1.58
N SER A 748 2.83 32.61 2.22
CA SER A 748 1.63 33.28 1.72
C SER A 748 1.92 34.77 1.63
N PHE A 749 1.74 35.32 0.43
CA PHE A 749 2.00 36.73 0.21
C PHE A 749 0.73 37.55 0.00
N GLN A 750 0.60 38.63 0.76
CA GLN A 750 -0.54 39.53 0.64
C GLN A 750 -0.29 40.42 -0.58
N LEU A 751 -1.25 40.47 -1.49
CA LEU A 751 -1.13 41.29 -2.70
C LEU A 751 -1.90 42.60 -2.62
N GLY A 752 -1.50 43.57 -3.43
CA GLY A 752 -2.17 44.86 -3.44
C GLY A 752 -3.10 45.02 -4.64
C1 PEG B . 7.93 -15.95 3.79
O1 PEG B . 8.10 -16.64 2.54
C2 PEG B . 8.86 -14.74 3.83
O2 PEG B . 10.21 -15.18 4.00
C3 PEG B . 11.02 -14.00 4.03
C4 PEG B . 12.49 -14.38 4.23
O4 PEG B . 13.13 -14.59 2.96
#